data_6PCZ
#
_entry.id   6PCZ
#
_cell.length_a   78.710
_cell.length_b   94.580
_cell.length_c   105.190
_cell.angle_alpha   90.00
_cell.angle_beta   90.00
_cell.angle_gamma   90.00
#
_symmetry.space_group_name_H-M   'P 21 21 21'
#
loop_
_entity.id
_entity.type
_entity.pdbx_description
1 polymer 'Cellulose biosynthesis protein BcsG'
2 non-polymer 'ZINC ION'
3 non-polymer 'MAGNESIUM ION'
4 water water
#
_entity_poly.entity_id   1
_entity_poly.type   'polypeptide(L)'
_entity_poly.pdbx_seq_one_letter_code
;(MSE)GSSHHHHHHSSGLVPRGSH(MSE)AGQPTTTVTTTGGNAAATVAATGGAPVVGD(MSE)PAQTAPPTTANLNAWL
NNFYNAEAKRKSTFPSSLPADAQPFELLVINICSLSWSDIEAAGL(MSE)SHPLWSHFDIEFKNFNSATSYSGPAAIRLL
RASCGQTSHTNLYQPANNDCYLFDNLSKLGFTQHL(MSE)(MSE)GHNGQFGGFLKEVRENGG(MSE)QSEL(MSE)DQT
NLPVILLGFDGSPVYDDTAVLNRWLDVTEKDKNSRSATFYNTLPLHDGNHYPGVSKTADYKARAQKFFDELDAFFTELEK
SGRKV(MSE)VVVVPEHGGALKGDR(MSE)QVSGLRDIPSPSITDVPVGVKFFG(MSE)KAPHQGAPIVIEQPSSFLAIS
DLVVRVLDGKIFTEDNVDWKKLTSGLPQTAPVSENSNAVVIQYQDKPYVRLNGGDWVPYPQ
;
_entity_poly.pdbx_strand_id   A,B
#
loop_
_chem_comp.id
_chem_comp.type
_chem_comp.name
_chem_comp.formula
MG non-polymer 'MAGNESIUM ION' 'Mg 2'
ZN non-polymer 'ZINC ION' 'Zn 2'
#
# COMPACT_ATOMS: atom_id res chain seq x y z
N GLN A 55 11.72 -3.31 47.93
CA GLN A 55 12.90 -2.47 47.76
C GLN A 55 13.04 -1.44 48.87
N THR A 56 13.08 -1.93 50.12
CA THR A 56 13.29 -1.06 51.26
C THR A 56 14.73 -1.02 51.75
N ALA A 57 15.46 -2.12 51.58
CA ALA A 57 16.83 -2.20 52.07
C ALA A 57 17.73 -1.23 51.30
N PRO A 58 18.81 -0.77 51.94
CA PRO A 58 19.72 0.15 51.26
C PRO A 58 20.34 -0.48 50.02
N PRO A 59 20.59 0.33 48.96
CA PRO A 59 21.07 -0.19 47.67
C PRO A 59 22.54 -0.59 47.61
N THR A 60 22.95 -1.45 48.54
CA THR A 60 24.28 -2.02 48.51
C THR A 60 24.35 -3.15 47.49
N THR A 61 25.56 -3.54 47.12
CA THR A 61 25.76 -4.65 46.19
C THR A 61 25.12 -5.93 46.71
N ALA A 62 25.28 -6.23 48.00
CA ALA A 62 24.66 -7.45 48.53
C ALA A 62 23.14 -7.38 48.49
N ASN A 63 22.57 -6.22 48.81
CA ASN A 63 21.11 -6.09 48.81
C ASN A 63 20.55 -6.10 47.39
N LEU A 64 21.27 -5.52 46.41
CA LEU A 64 20.80 -5.56 45.04
C LEU A 64 20.91 -6.95 44.45
N ASN A 65 22.00 -7.67 44.74
CA ASN A 65 22.08 -9.06 44.30
C ASN A 65 20.98 -9.89 44.95
N ALA A 66 20.69 -9.63 46.23
CA ALA A 66 19.61 -10.36 46.88
C ALA A 66 18.27 -10.04 46.23
N TRP A 67 18.06 -8.77 45.89
CA TRP A 67 16.81 -8.39 45.22
C TRP A 67 16.68 -9.08 43.87
N LEU A 68 17.76 -9.10 43.08
CA LEU A 68 17.71 -9.74 41.77
C LEU A 68 17.46 -11.24 41.90
N ASN A 69 18.11 -11.90 42.86
CA ASN A 69 17.88 -13.33 43.02
C ASN A 69 16.46 -13.63 43.47
N ASN A 70 15.91 -12.77 44.32
CA ASN A 70 14.50 -12.89 44.71
C ASN A 70 13.60 -12.69 43.50
N PHE A 71 13.94 -11.75 42.62
CA PHE A 71 13.18 -11.54 41.39
C PHE A 71 13.13 -12.82 40.55
N TYR A 72 14.29 -13.45 40.33
CA TYR A 72 14.31 -14.71 39.59
C TYR A 72 13.44 -15.76 40.25
N ASN A 73 13.51 -15.86 41.58
CA ASN A 73 12.75 -16.89 42.28
C ASN A 73 11.26 -16.64 42.17
N ALA A 74 10.85 -15.38 42.28
CA ALA A 74 9.44 -15.06 42.14
C ALA A 74 8.97 -15.29 40.70
N GLU A 75 9.79 -14.90 39.72
CA GLU A 75 9.43 -15.07 38.32
C GLU A 75 9.28 -16.55 37.95
N ALA A 76 10.08 -17.43 38.56
CA ALA A 76 10.02 -18.86 38.23
C ALA A 76 8.69 -19.48 38.59
N LYS A 77 7.92 -18.85 39.47
CA LYS A 77 6.62 -19.36 39.85
C LYS A 77 5.49 -18.83 38.97
N ARG A 78 5.80 -17.97 38.00
CA ARG A 78 4.77 -17.33 37.20
C ARG A 78 4.59 -18.07 35.89
N LYS A 79 3.34 -18.35 35.52
CA LYS A 79 3.03 -19.00 34.26
C LYS A 79 1.77 -18.38 33.71
N SER A 80 1.68 -18.34 32.40
CA SER A 80 0.48 -17.93 31.69
C SER A 80 -0.19 -19.24 31.30
N THR A 81 -1.34 -19.54 31.92
CA THR A 81 -1.97 -20.85 31.84
C THR A 81 -2.93 -20.95 30.65
N PHE A 82 -2.69 -21.94 29.80
CA PHE A 82 -3.56 -22.19 28.65
C PHE A 82 -4.55 -23.32 28.95
N PRO A 83 -5.73 -23.25 28.37
CA PRO A 83 -6.71 -24.33 28.57
C PRO A 83 -6.31 -25.59 27.83
N SER A 84 -6.91 -26.71 28.26
CA SER A 84 -6.60 -28.00 27.64
C SER A 84 -7.18 -28.12 26.23
N SER A 85 -8.27 -27.40 25.95
CA SER A 85 -8.86 -27.37 24.62
C SER A 85 -9.61 -26.06 24.47
N LEU A 86 -9.84 -25.66 23.23
CA LEU A 86 -10.69 -24.51 22.98
C LEU A 86 -12.15 -24.89 23.23
N PRO A 87 -12.99 -23.94 23.63
CA PRO A 87 -14.42 -24.24 23.81
C PRO A 87 -15.09 -24.55 22.48
N ALA A 88 -16.22 -25.26 22.59
CA ALA A 88 -16.92 -25.73 21.41
C ALA A 88 -17.35 -24.61 20.47
N ASP A 89 -17.63 -23.43 21.02
CA ASP A 89 -18.09 -22.29 20.23
C ASP A 89 -16.97 -21.28 19.94
N ALA A 90 -15.71 -21.70 20.06
CA ALA A 90 -14.61 -20.80 19.77
C ALA A 90 -14.67 -20.30 18.33
N GLN A 91 -14.30 -19.05 18.14
CA GLN A 91 -14.23 -18.44 16.81
C GLN A 91 -12.79 -18.37 16.35
N PRO A 92 -12.46 -18.91 15.18
CA PRO A 92 -11.07 -18.92 14.72
C PRO A 92 -10.58 -17.52 14.36
N PHE A 93 -9.26 -17.33 14.53
CA PHE A 93 -8.59 -16.10 14.11
C PHE A 93 -7.11 -16.40 13.88
N GLU A 94 -6.43 -15.46 13.22
CA GLU A 94 -4.98 -15.54 13.00
C GLU A 94 -4.25 -14.65 14.01
N LEU A 95 -3.17 -15.16 14.60
CA LEU A 95 -2.26 -14.35 15.41
C LEU A 95 -1.00 -14.08 14.61
N LEU A 96 -0.59 -12.82 14.54
CA LEU A 96 0.65 -12.46 13.85
C LEU A 96 1.50 -11.62 14.80
N VAL A 97 2.67 -12.12 15.14
CA VAL A 97 3.59 -11.42 16.04
C VAL A 97 4.72 -10.86 15.17
N ILE A 98 4.85 -9.54 15.14
CA ILE A 98 5.84 -8.84 14.32
C ILE A 98 6.96 -8.37 15.25
N ASN A 99 8.11 -9.03 15.15
CA ASN A 99 9.26 -8.81 16.02
C ASN A 99 10.29 -8.02 15.22
N ILE A 100 10.60 -6.80 15.66
CA ILE A 100 11.31 -5.81 14.85
C ILE A 100 12.65 -5.45 15.50
N CYS A 101 13.74 -5.57 14.76
CA CYS A 101 15.04 -5.15 15.28
C CYS A 101 15.18 -3.62 15.35
N SER A 102 15.83 -3.13 16.41
CA SER A 102 16.32 -1.75 16.49
C SER A 102 15.20 -0.71 16.42
N LEU A 103 14.28 -0.78 17.39
CA LEU A 103 13.20 0.21 17.50
C LEU A 103 12.81 0.38 18.98
N SER A 104 13.11 1.53 19.57
CA SER A 104 12.64 1.87 20.92
C SER A 104 11.91 3.21 20.89
N TRP A 105 11.23 3.55 21.98
CA TRP A 105 10.60 4.87 22.06
C TRP A 105 11.63 5.96 21.83
N SER A 106 12.82 5.80 22.42
CA SER A 106 13.87 6.79 22.27
C SER A 106 14.27 6.98 20.81
N ASP A 107 14.38 5.88 20.04
CA ASP A 107 14.72 5.98 18.64
C ASP A 107 13.64 6.74 17.87
N ILE A 108 12.37 6.43 18.14
CA ILE A 108 11.28 7.09 17.41
C ILE A 108 11.30 8.59 17.65
N GLU A 109 11.55 8.99 18.89
CA GLU A 109 11.66 10.43 19.18
C GLU A 109 12.87 11.03 18.47
N ALA A 110 14.02 10.34 18.51
CA ALA A 110 15.21 10.84 17.82
C ALA A 110 14.99 11.02 16.32
N ALA A 111 14.21 10.15 15.70
CA ALA A 111 13.91 10.24 14.28
C ALA A 111 12.78 11.22 13.98
N GLY A 112 12.16 11.81 14.99
CA GLY A 112 11.03 12.71 14.78
C GLY A 112 9.77 12.06 14.24
N LEU A 113 9.51 10.79 14.58
CA LEU A 113 8.43 10.03 14.01
C LEU A 113 7.35 9.65 15.02
N MSE A 114 7.27 10.35 16.14
CA MSE A 114 6.27 10.01 17.18
C MSE A 114 4.83 10.22 16.70
O MSE A 114 3.96 9.67 17.31
CB MSE A 114 6.52 10.79 18.47
CG MSE A 114 7.83 10.50 19.16
SE MSE A 114 7.64 8.79 20.09
CE MSE A 114 6.35 9.22 21.48
N SER A 115 4.63 11.01 15.68
CA SER A 115 3.28 11.25 15.17
C SER A 115 2.98 10.49 13.89
N HIS A 116 3.83 9.56 13.50
CA HIS A 116 3.49 8.76 12.33
C HIS A 116 2.15 8.07 12.56
N PRO A 117 1.30 7.99 11.54
CA PRO A 117 -0.03 7.40 11.75
C PRO A 117 -0.01 5.99 12.31
N LEU A 118 1.05 5.22 12.06
CA LEU A 118 1.14 3.87 12.60
C LEU A 118 0.88 3.82 14.11
N TRP A 119 1.39 4.81 14.85
CA TRP A 119 1.33 4.72 16.31
C TRP A 119 -0.07 4.93 16.87
N SER A 120 -0.95 5.60 16.13
CA SER A 120 -2.34 5.68 16.57
C SER A 120 -3.20 4.58 15.98
N HIS A 121 -2.61 3.69 15.18
CA HIS A 121 -3.30 2.59 14.51
C HIS A 121 -3.27 1.30 15.33
N PHE A 122 -3.28 1.41 16.65
CA PHE A 122 -3.37 0.25 17.51
C PHE A 122 -4.59 0.38 18.40
N ASP A 123 -5.06 -0.77 18.90
CA ASP A 123 -6.13 -0.77 19.91
C ASP A 123 -5.61 -0.72 21.33
N ILE A 124 -4.43 -1.32 21.58
CA ILE A 124 -3.79 -1.35 22.89
C ILE A 124 -2.32 -1.00 22.68
N GLU A 125 -1.79 -0.15 23.56
CA GLU A 125 -0.39 0.26 23.50
C GLU A 125 0.21 0.15 24.88
N PHE A 126 1.32 -0.60 25.00
CA PHE A 126 2.10 -0.63 26.24
C PHE A 126 3.13 0.49 26.18
N LYS A 127 3.12 1.36 27.20
CA LYS A 127 4.03 2.49 27.25
C LYS A 127 5.24 2.25 28.13
N ASN A 128 5.24 1.19 28.94
CA ASN A 128 6.40 0.86 29.76
C ASN A 128 6.68 -0.63 29.68
N PHE A 129 6.85 -1.11 28.45
CA PHE A 129 7.21 -2.49 28.18
C PHE A 129 8.74 -2.59 28.11
N ASN A 130 9.29 -3.58 28.81
CA ASN A 130 10.73 -3.78 28.88
C ASN A 130 11.12 -5.01 28.06
N SER A 131 12.06 -4.84 27.13
CA SER A 131 12.53 -5.94 26.29
C SER A 131 13.44 -6.90 27.03
N ALA A 132 13.99 -6.51 28.19
CA ALA A 132 14.79 -7.36 29.06
C ALA A 132 16.16 -7.72 28.50
N THR A 133 16.58 -7.12 27.39
CA THR A 133 17.87 -7.39 26.75
C THR A 133 18.06 -6.39 25.62
N SER A 134 19.31 -6.26 25.17
CA SER A 134 19.57 -5.39 24.02
C SER A 134 20.19 -6.12 22.84
N TYR A 135 20.13 -7.46 22.82
CA TYR A 135 20.57 -8.25 21.69
C TYR A 135 19.43 -9.07 21.09
N SER A 136 19.55 -9.34 19.78
CA SER A 136 18.44 -9.90 19.00
C SER A 136 18.11 -11.33 19.39
N GLY A 137 19.11 -12.19 19.49
CA GLY A 137 18.90 -13.58 19.81
C GLY A 137 18.19 -13.76 21.14
N PRO A 138 18.77 -13.20 22.20
CA PRO A 138 18.07 -13.27 23.50
C PRO A 138 16.68 -12.66 23.46
N ALA A 139 16.47 -11.57 22.72
CA ALA A 139 15.14 -10.97 22.68
C ALA A 139 14.13 -11.93 22.06
N ALA A 140 14.52 -12.61 20.97
CA ALA A 140 13.63 -13.58 20.35
C ALA A 140 13.36 -14.77 21.26
N ILE A 141 14.40 -15.29 21.94
CA ILE A 141 14.17 -16.38 22.89
C ILE A 141 13.18 -15.97 23.96
N ARG A 142 13.33 -14.75 24.52
CA ARG A 142 12.43 -14.33 25.58
C ARG A 142 10.99 -14.23 25.10
N LEU A 143 10.79 -13.71 23.87
CA LEU A 143 9.44 -13.64 23.32
C LEU A 143 8.86 -15.03 23.07
N LEU A 144 9.68 -15.94 22.54
CA LEU A 144 9.21 -17.29 22.28
C LEU A 144 8.91 -18.03 23.58
N ARG A 145 9.57 -17.65 24.68
CA ARG A 145 9.32 -18.19 26.01
C ARG A 145 8.39 -17.30 26.83
N ALA A 146 7.47 -16.60 26.15
CA ALA A 146 6.67 -15.58 26.82
C ALA A 146 5.73 -16.13 27.88
N SER A 147 5.42 -17.42 27.86
CA SER A 147 4.39 -17.94 28.76
C SER A 147 4.89 -18.30 30.15
N CYS A 148 6.17 -18.08 30.43
CA CYS A 148 6.67 -18.25 31.78
C CYS A 148 7.42 -17.01 32.20
N GLY A 149 7.59 -16.86 33.51
CA GLY A 149 8.27 -15.70 34.05
C GLY A 149 9.68 -15.52 33.52
N GLN A 150 10.18 -14.30 33.69
CA GLN A 150 11.49 -13.92 33.18
C GLN A 150 12.62 -14.69 33.87
N THR A 151 13.53 -15.23 33.07
CA THR A 151 14.72 -15.89 33.63
C THR A 151 15.96 -15.03 33.41
N SER A 152 17.04 -15.44 34.09
CA SER A 152 18.35 -14.87 33.84
C SER A 152 18.78 -15.14 32.39
N HIS A 153 19.77 -14.36 31.95
CA HIS A 153 20.34 -14.56 30.63
C HIS A 153 20.88 -15.98 30.47
N THR A 154 21.62 -16.47 31.47
CA THR A 154 22.19 -17.81 31.38
C THR A 154 21.11 -18.87 31.14
N ASN A 155 19.98 -18.72 31.81
CA ASN A 155 18.90 -19.70 31.70
C ASN A 155 18.12 -19.62 30.38
N LEU A 156 18.37 -18.60 29.55
CA LEU A 156 17.80 -18.64 28.20
C LEU A 156 18.41 -19.75 27.37
N TYR A 157 19.60 -20.22 27.73
CA TYR A 157 20.33 -21.21 26.97
C TYR A 157 20.29 -22.58 27.63
N GLN A 158 19.46 -22.72 28.66
CA GLN A 158 19.12 -23.99 29.28
C GLN A 158 17.66 -24.32 28.97
N PRO A 159 17.27 -25.59 29.04
CA PRO A 159 15.90 -25.95 28.69
C PRO A 159 14.90 -25.30 29.62
N ALA A 160 13.71 -25.04 29.08
CA ALA A 160 12.58 -24.54 29.84
C ALA A 160 11.45 -25.55 29.73
N ASN A 161 10.48 -25.46 30.64
CA ASN A 161 9.33 -26.34 30.59
C ASN A 161 8.59 -26.14 29.27
N ASN A 162 8.01 -27.23 28.76
CA ASN A 162 7.35 -27.17 27.46
C ASN A 162 6.23 -26.13 27.43
N ASP A 163 5.56 -25.89 28.56
CA ASP A 163 4.48 -24.90 28.60
C ASP A 163 4.98 -23.45 28.67
N CYS A 164 6.28 -23.19 28.58
CA CYS A 164 6.75 -21.82 28.52
C CYS A 164 6.70 -21.27 27.10
N TYR A 165 6.57 -22.13 26.11
CA TYR A 165 6.74 -21.75 24.71
C TYR A 165 5.38 -21.34 24.14
N LEU A 166 5.20 -20.02 23.98
CA LEU A 166 3.93 -19.46 23.53
C LEU A 166 3.38 -20.14 22.27
N PHE A 167 4.22 -20.31 21.26
CA PHE A 167 3.72 -20.84 19.99
C PHE A 167 3.40 -22.33 20.09
N ASP A 168 4.12 -23.07 20.93
CA ASP A 168 3.74 -24.46 21.18
C ASP A 168 2.43 -24.55 21.94
N ASN A 169 2.20 -23.63 22.87
CA ASN A 169 0.93 -23.61 23.58
C ASN A 169 -0.22 -23.38 22.61
N LEU A 170 -0.01 -22.52 21.60
CA LEU A 170 -1.05 -22.26 20.62
C LEU A 170 -1.20 -23.43 19.66
N SER A 171 -0.09 -24.04 19.22
CA SER A 171 -0.21 -25.16 18.29
C SER A 171 -0.99 -26.31 18.91
N LYS A 172 -0.78 -26.56 20.21
CA LYS A 172 -1.48 -27.64 20.88
C LYS A 172 -3.00 -27.43 20.92
N LEU A 173 -3.46 -26.19 20.77
CA LEU A 173 -4.87 -25.87 20.69
C LEU A 173 -5.41 -25.85 19.27
N GLY A 174 -4.61 -26.20 18.28
CA GLY A 174 -5.10 -26.30 16.92
C GLY A 174 -4.73 -25.17 16.01
N PHE A 175 -3.90 -24.22 16.45
CA PHE A 175 -3.40 -23.17 15.59
C PHE A 175 -2.25 -23.73 14.74
N THR A 176 -2.28 -23.51 13.43
CA THR A 176 -1.13 -23.84 12.61
C THR A 176 -0.02 -22.82 12.87
N GLN A 177 1.19 -23.32 13.11
CA GLN A 177 2.34 -22.47 13.41
C GLN A 177 3.06 -22.12 12.12
N HIS A 178 3.44 -20.85 11.97
CA HIS A 178 4.26 -20.40 10.83
C HIS A 178 5.46 -19.61 11.35
N LEU A 179 6.60 -19.79 10.70
CA LEU A 179 7.80 -18.99 10.95
C LEU A 179 8.11 -18.20 9.68
N MSE A 180 8.23 -16.88 9.82
CA MSE A 180 8.51 -16.02 8.64
C MSE A 180 9.58 -14.99 9.01
O MSE A 180 9.54 -14.46 10.13
CB MSE A 180 7.22 -15.30 8.19
CG MSE A 180 7.25 -14.85 6.75
SE MSE A 180 5.66 -13.79 6.30
CE MSE A 180 5.14 -12.70 7.85
N MSE A 181 10.53 -14.75 8.09
CA MSE A 181 11.61 -13.77 8.38
C MSE A 181 11.86 -12.89 7.17
O MSE A 181 11.75 -13.34 6.08
CB MSE A 181 12.91 -14.47 8.80
CG MSE A 181 12.81 -15.18 10.10
SE MSE A 181 14.63 -15.67 10.77
CE MSE A 181 15.42 -16.72 9.33
N GLY A 182 12.22 -11.65 7.43
CA GLY A 182 12.63 -10.76 6.36
C GLY A 182 14.10 -10.85 6.01
N HIS A 183 14.73 -11.98 6.34
CA HIS A 183 16.16 -12.21 6.14
C HIS A 183 16.39 -13.70 6.35
N ASN A 184 17.64 -14.13 6.24
CA ASN A 184 17.92 -15.56 6.34
C ASN A 184 18.35 -16.02 7.73
N GLY A 185 18.56 -15.10 8.66
CA GLY A 185 18.84 -15.42 10.06
C GLY A 185 20.19 -16.03 10.32
N GLN A 186 21.09 -15.99 9.35
CA GLN A 186 22.42 -16.56 9.56
C GLN A 186 23.29 -15.67 10.43
N PHE A 187 23.22 -14.36 10.24
CA PHE A 187 24.07 -13.45 10.99
C PHE A 187 23.84 -13.60 12.50
N GLY A 188 24.93 -13.69 13.26
CA GLY A 188 24.84 -13.85 14.70
C GLY A 188 24.26 -15.15 15.18
N GLY A 189 24.08 -16.13 14.29
CA GLY A 189 23.47 -17.39 14.69
C GLY A 189 22.02 -17.25 15.11
N PHE A 190 21.32 -16.25 14.56
CA PHE A 190 19.99 -15.92 15.05
C PHE A 190 19.01 -17.07 14.87
N LEU A 191 18.89 -17.59 13.64
CA LEU A 191 17.95 -18.68 13.39
C LEU A 191 18.30 -19.90 14.22
N LYS A 192 19.59 -20.18 14.38
CA LYS A 192 20.00 -21.32 15.19
C LYS A 192 19.52 -21.18 16.64
N GLU A 193 19.60 -19.96 17.20
CA GLU A 193 19.11 -19.75 18.56
C GLU A 193 17.59 -19.85 18.64
N VAL A 194 16.89 -19.33 17.61
CA VAL A 194 15.43 -19.43 17.54
C VAL A 194 14.99 -20.88 17.57
N ARG A 195 15.74 -21.74 16.89
CA ARG A 195 15.40 -23.16 16.83
C ARG A 195 15.78 -23.89 18.12
N GLU A 196 17.02 -23.69 18.59
CA GLU A 196 17.54 -24.51 19.69
C GLU A 196 17.03 -24.04 21.05
N ASN A 197 16.95 -22.73 21.26
CA ASN A 197 16.52 -22.20 22.54
C ASN A 197 15.11 -21.62 22.53
N GLY A 198 14.65 -21.13 21.38
CA GLY A 198 13.28 -20.67 21.26
C GLY A 198 12.27 -21.74 20.94
N GLY A 199 12.75 -22.97 20.68
CA GLY A 199 11.87 -24.09 20.41
C GLY A 199 11.13 -24.02 19.10
N MSE A 200 11.51 -23.11 18.23
CA MSE A 200 10.76 -22.91 16.97
C MSE A 200 11.37 -23.78 15.88
O MSE A 200 12.41 -23.46 15.41
CB MSE A 200 10.79 -21.42 16.67
CG MSE A 200 10.46 -21.04 15.29
SE MSE A 200 8.58 -21.25 14.99
CE MSE A 200 7.80 -20.08 16.37
N GLN A 201 10.68 -24.87 15.56
CA GLN A 201 11.19 -25.85 14.60
C GLN A 201 10.51 -25.76 13.24
N SER A 202 9.56 -24.90 12.99
CA SER A 202 8.84 -24.74 11.74
C SER A 202 9.82 -24.39 10.61
N GLU A 203 9.49 -24.91 9.50
CA GLU A 203 10.25 -24.50 8.33
C GLU A 203 10.04 -23.02 8.07
N LEU A 204 11.08 -22.35 7.59
CA LEU A 204 10.96 -20.95 7.18
C LEU A 204 9.98 -20.84 6.01
N MSE A 205 9.03 -19.91 6.13
CA MSE A 205 8.10 -19.66 5.02
C MSE A 205 8.93 -19.34 3.78
O MSE A 205 9.92 -18.68 3.89
CB MSE A 205 7.12 -18.53 5.38
CG MSE A 205 6.02 -18.37 4.35
SE MSE A 205 4.78 -16.95 4.90
CE MSE A 205 4.22 -17.57 6.70
N ASP A 206 8.46 -19.76 2.63
CA ASP A 206 9.24 -19.59 1.39
C ASP A 206 9.55 -18.13 1.14
N GLN A 207 10.82 -17.85 0.82
CA GLN A 207 11.27 -16.51 0.50
C GLN A 207 11.63 -16.35 -0.97
N THR A 208 11.51 -17.40 -1.77
CA THR A 208 11.83 -17.33 -3.18
C THR A 208 11.03 -16.25 -3.88
N ASN A 209 11.70 -15.48 -4.73
CA ASN A 209 11.13 -14.45 -5.57
C ASN A 209 10.64 -13.22 -4.81
N LEU A 210 10.96 -13.09 -3.54
CA LEU A 210 10.57 -11.87 -2.86
C LEU A 210 11.53 -10.75 -3.24
N PRO A 211 11.02 -9.54 -3.48
CA PRO A 211 11.90 -8.38 -3.71
C PRO A 211 12.82 -8.14 -2.51
N VAL A 212 14.03 -7.67 -2.82
CA VAL A 212 15.07 -7.42 -1.84
C VAL A 212 15.29 -5.92 -1.79
N ILE A 213 15.09 -5.32 -0.62
CA ILE A 213 15.21 -3.86 -0.48
C ILE A 213 16.65 -3.44 -0.22
N LEU A 214 17.37 -4.21 0.58
CA LEU A 214 18.73 -3.89 0.98
C LEU A 214 19.48 -5.20 1.18
N LEU A 215 20.79 -5.08 1.36
CA LEU A 215 21.58 -6.22 1.82
C LEU A 215 21.92 -6.01 3.29
N GLY A 216 21.99 -7.12 4.03
CA GLY A 216 22.44 -7.05 5.40
C GLY A 216 23.94 -6.89 5.49
N PHE A 217 24.42 -6.71 6.72
CA PHE A 217 25.85 -6.53 6.93
C PHE A 217 26.66 -7.66 6.31
N ASP A 218 26.17 -8.90 6.42
CA ASP A 218 26.89 -10.05 5.89
C ASP A 218 26.66 -10.27 4.40
N GLY A 219 25.94 -9.37 3.73
CA GLY A 219 25.70 -9.46 2.31
C GLY A 219 24.48 -10.27 1.89
N SER A 220 23.74 -10.82 2.83
CA SER A 220 22.53 -11.58 2.56
C SER A 220 21.33 -10.64 2.38
N PRO A 221 20.21 -11.13 1.82
CA PRO A 221 19.11 -10.22 1.49
C PRO A 221 18.30 -9.78 2.69
N VAL A 222 17.85 -8.53 2.61
CA VAL A 222 16.80 -7.98 3.48
C VAL A 222 15.57 -7.82 2.61
N TYR A 223 14.52 -8.62 2.89
CA TYR A 223 13.37 -8.67 2.00
C TYR A 223 12.41 -7.52 2.25
N ASP A 224 11.72 -7.09 1.19
CA ASP A 224 10.77 -5.99 1.33
C ASP A 224 9.59 -6.42 2.20
N ASP A 225 9.34 -5.65 3.27
CA ASP A 225 8.28 -6.01 4.22
C ASP A 225 6.90 -6.06 3.59
N THR A 226 6.61 -5.15 2.65
CA THR A 226 5.30 -5.19 1.98
C THR A 226 5.11 -6.53 1.28
N ALA A 227 6.14 -7.01 0.59
CA ALA A 227 6.01 -8.28 -0.13
C ALA A 227 5.92 -9.45 0.85
N VAL A 228 6.70 -9.42 1.93
CA VAL A 228 6.62 -10.48 2.94
C VAL A 228 5.22 -10.56 3.53
N LEU A 229 4.65 -9.41 3.91
CA LEU A 229 3.34 -9.41 4.55
C LEU A 229 2.23 -9.81 3.58
N ASN A 230 2.33 -9.41 2.31
CA ASN A 230 1.34 -9.84 1.33
C ASN A 230 1.43 -11.34 1.09
N ARG A 231 2.63 -11.90 1.10
CA ARG A 231 2.76 -13.35 1.00
C ARG A 231 2.15 -14.03 2.22
N TRP A 232 2.29 -13.43 3.41
CA TRP A 232 1.66 -13.99 4.61
C TRP A 232 0.15 -14.12 4.44
N LEU A 233 -0.49 -13.09 3.86
CA LEU A 233 -1.92 -13.16 3.61
C LEU A 233 -2.27 -14.40 2.78
N ASP A 234 -1.46 -14.67 1.76
CA ASP A 234 -1.74 -15.77 0.84
C ASP A 234 -1.46 -17.12 1.50
N VAL A 235 -0.33 -17.23 2.20
CA VAL A 235 0.04 -18.50 2.83
C VAL A 235 -0.96 -18.89 3.90
N THR A 236 -1.43 -17.92 4.69
CA THR A 236 -2.43 -18.25 5.68
C THR A 236 -3.78 -18.59 5.05
N GLU A 237 -4.13 -17.95 3.93
CA GLU A 237 -5.36 -18.34 3.25
C GLU A 237 -5.29 -19.78 2.77
N LYS A 238 -4.11 -20.22 2.34
CA LYS A 238 -3.94 -21.52 1.70
C LYS A 238 -3.53 -22.63 2.66
N ASP A 239 -3.43 -22.37 3.96
CA ASP A 239 -2.87 -23.36 4.88
C ASP A 239 -3.89 -24.37 5.40
N LYS A 240 -5.13 -24.35 4.89
CA LYS A 240 -6.19 -25.30 5.25
C LYS A 240 -6.71 -25.13 6.67
N ASN A 241 -6.26 -24.12 7.40
CA ASN A 241 -6.71 -23.91 8.77
C ASN A 241 -7.31 -22.51 8.90
N SER A 242 -8.39 -22.41 9.67
CA SER A 242 -9.00 -21.13 9.98
C SER A 242 -8.24 -20.38 11.07
N ARG A 243 -7.33 -21.02 11.78
CA ARG A 243 -6.56 -20.36 12.83
C ARG A 243 -5.08 -20.67 12.65
N SER A 244 -4.24 -19.68 12.95
CA SER A 244 -2.80 -19.85 12.80
C SER A 244 -2.09 -18.86 13.71
N ALA A 245 -0.81 -19.11 13.94
CA ALA A 245 0.02 -18.26 14.77
C ALA A 245 1.37 -18.14 14.10
N THR A 246 1.76 -16.90 13.77
CA THR A 246 2.99 -16.67 13.02
C THR A 246 3.95 -15.83 13.85
N PHE A 247 5.21 -16.26 13.86
CA PHE A 247 6.32 -15.47 14.39
C PHE A 247 7.07 -14.89 13.20
N TYR A 248 7.10 -13.56 13.09
CA TYR A 248 7.76 -12.86 11.99
C TYR A 248 8.87 -11.99 12.57
N ASN A 249 10.11 -12.23 12.16
CA ASN A 249 11.24 -11.41 12.57
C ASN A 249 11.77 -10.62 11.38
N THR A 250 11.89 -9.31 11.55
CA THR A 250 12.29 -8.43 10.46
C THR A 250 13.29 -7.41 10.99
N LEU A 251 14.27 -7.05 10.15
CA LEU A 251 15.31 -6.15 10.62
C LEU A 251 15.64 -5.02 9.65
N PRO A 252 14.66 -4.33 9.06
CA PRO A 252 15.03 -3.30 8.07
C PRO A 252 15.73 -2.09 8.67
N LEU A 253 15.64 -1.87 9.98
CA LEU A 253 16.31 -0.73 10.59
C LEU A 253 17.69 -1.04 11.12
N HIS A 254 18.18 -2.27 10.92
CA HIS A 254 19.51 -2.60 11.42
C HIS A 254 20.57 -1.73 10.77
N ASP A 255 21.49 -1.23 11.60
CA ASP A 255 22.43 -0.22 11.11
C ASP A 255 23.41 -0.77 10.07
N GLY A 256 23.59 -2.08 9.98
CA GLY A 256 24.48 -2.59 8.96
C GLY A 256 23.87 -2.84 7.60
N ASN A 257 22.56 -2.63 7.42
CA ASN A 257 21.96 -2.82 6.11
C ASN A 257 22.46 -1.74 5.15
N HIS A 258 22.65 -2.11 3.90
CA HIS A 258 23.26 -1.20 2.94
C HIS A 258 22.79 -1.53 1.53
N TYR A 259 23.06 -0.60 0.60
CA TYR A 259 22.83 -0.85 -0.80
C TYR A 259 24.18 -1.11 -1.46
N PRO A 260 24.34 -2.22 -2.20
CA PRO A 260 25.66 -2.60 -2.70
C PRO A 260 26.24 -1.53 -3.62
N GLY A 261 27.50 -1.17 -3.35
CA GLY A 261 28.23 -0.22 -4.15
C GLY A 261 28.04 1.25 -3.81
N VAL A 262 27.34 1.59 -2.72
CA VAL A 262 26.93 2.97 -2.52
C VAL A 262 27.76 3.70 -1.44
N SER A 263 28.05 3.05 -0.31
CA SER A 263 28.88 3.63 0.76
C SER A 263 28.25 4.80 1.52
N LYS A 264 27.06 5.25 1.10
CA LYS A 264 26.34 6.28 1.83
C LYS A 264 25.96 5.77 3.22
N THR A 265 26.08 6.63 4.22
CA THR A 265 25.62 6.24 5.55
C THR A 265 24.10 6.10 5.52
N ALA A 266 23.59 5.11 6.25
CA ALA A 266 22.15 4.87 6.31
C ALA A 266 21.42 6.08 6.90
N ASP A 267 20.19 6.31 6.41
CA ASP A 267 19.32 7.39 6.88
C ASP A 267 18.24 6.69 7.71
N TYR A 268 18.45 6.60 9.04
CA TYR A 268 17.51 5.90 9.90
C TYR A 268 16.10 6.46 9.74
N LYS A 269 15.97 7.79 9.71
CA LYS A 269 14.64 8.40 9.63
C LYS A 269 13.94 7.96 8.34
N ALA A 270 14.63 8.03 7.20
CA ALA A 270 14.02 7.62 5.95
C ALA A 270 13.68 6.14 5.96
N ARG A 271 14.54 5.30 6.52
CA ARG A 271 14.24 3.87 6.57
C ARG A 271 13.07 3.58 7.49
N ALA A 272 13.00 4.27 8.63
CA ALA A 272 11.90 4.06 9.57
C ALA A 272 10.60 4.59 8.99
N GLN A 273 10.66 5.74 8.33
CA GLN A 273 9.46 6.28 7.67
C GLN A 273 8.91 5.27 6.67
N LYS A 274 9.78 4.68 5.86
CA LYS A 274 9.31 3.73 4.86
C LYS A 274 8.70 2.50 5.50
N PHE A 275 9.36 1.96 6.53
CA PHE A 275 8.83 0.78 7.21
C PHE A 275 7.49 1.09 7.87
N PHE A 276 7.38 2.23 8.57
CA PHE A 276 6.11 2.58 9.19
C PHE A 276 5.02 2.77 8.14
N ASP A 277 5.36 3.40 7.00
CA ASP A 277 4.39 3.56 5.92
C ASP A 277 3.90 2.21 5.43
N GLU A 278 4.81 1.25 5.25
CA GLU A 278 4.42 -0.07 4.75
C GLU A 278 3.58 -0.82 5.77
N LEU A 279 3.95 -0.76 7.05
CA LEU A 279 3.16 -1.47 8.05
C LEU A 279 1.77 -0.85 8.19
N ASP A 280 1.68 0.48 8.18
CA ASP A 280 0.37 1.11 8.31
C ASP A 280 -0.51 0.79 7.11
N ALA A 281 0.07 0.72 5.92
CA ALA A 281 -0.71 0.37 4.74
C ALA A 281 -1.19 -1.07 4.80
N PHE A 282 -0.34 -1.97 5.28
CA PHE A 282 -0.76 -3.35 5.50
C PHE A 282 -1.94 -3.43 6.48
N PHE A 283 -1.87 -2.66 7.58
CA PHE A 283 -2.98 -2.64 8.53
C PHE A 283 -4.27 -2.18 7.87
N THR A 284 -4.20 -1.11 7.08
CA THR A 284 -5.40 -0.59 6.43
C THR A 284 -6.00 -1.64 5.49
N GLU A 285 -5.16 -2.32 4.71
CA GLU A 285 -5.66 -3.37 3.82
C GLU A 285 -6.24 -4.55 4.61
N LEU A 286 -5.60 -4.91 5.72
CA LEU A 286 -6.10 -6.03 6.52
C LEU A 286 -7.47 -5.71 7.11
N GLU A 287 -7.68 -4.45 7.51
CA GLU A 287 -8.99 -4.04 8.01
C GLU A 287 -10.08 -4.24 6.95
N LYS A 288 -9.78 -3.89 5.70
CA LYS A 288 -10.77 -4.02 4.63
C LYS A 288 -11.00 -5.47 4.20
N SER A 289 -10.12 -6.38 4.57
CA SER A 289 -10.22 -7.78 4.14
C SER A 289 -11.31 -8.55 4.88
N GLY A 290 -11.75 -8.07 6.04
CA GLY A 290 -12.69 -8.80 6.86
C GLY A 290 -12.11 -9.96 7.65
N ARG A 291 -10.85 -10.30 7.44
CA ARG A 291 -10.26 -11.43 8.16
C ARG A 291 -10.09 -11.10 9.64
N LYS A 292 -10.24 -12.12 10.47
CA LYS A 292 -10.12 -11.96 11.92
C LYS A 292 -8.67 -12.21 12.32
N VAL A 293 -7.99 -11.15 12.78
CA VAL A 293 -6.56 -11.21 13.06
C VAL A 293 -6.26 -10.41 14.31
N MSE A 294 -5.31 -10.94 15.07
CA MSE A 294 -4.70 -10.22 16.21
C MSE A 294 -3.22 -9.99 15.84
O MSE A 294 -2.53 -10.91 15.60
CB MSE A 294 -4.82 -11.02 17.49
CG MSE A 294 -4.12 -10.40 18.66
SE MSE A 294 -4.26 -11.55 20.26
CE MSE A 294 -3.32 -10.52 21.61
N VAL A 295 -2.82 -8.74 15.68
CA VAL A 295 -1.42 -8.41 15.40
C VAL A 295 -0.79 -7.84 16.66
N VAL A 296 0.37 -8.37 17.05
CA VAL A 296 1.17 -7.84 18.13
C VAL A 296 2.50 -7.37 17.56
N VAL A 297 2.81 -6.09 17.74
CA VAL A 297 4.06 -5.52 17.26
C VAL A 297 4.99 -5.39 18.46
N VAL A 298 6.11 -6.11 18.42
CA VAL A 298 7.03 -6.22 19.57
C VAL A 298 8.46 -5.99 19.10
N PRO A 299 9.01 -4.80 19.25
CA PRO A 299 10.43 -4.61 18.92
C PRO A 299 11.31 -5.45 19.83
N GLU A 300 12.43 -5.93 19.27
CA GLU A 300 13.38 -6.73 20.06
C GLU A 300 14.07 -5.88 21.12
N HIS A 301 14.43 -4.65 20.75
CA HIS A 301 15.28 -3.75 21.52
C HIS A 301 15.51 -2.53 20.63
N GLY A 302 16.02 -1.45 21.21
CA GLY A 302 16.31 -0.25 20.44
C GLY A 302 17.60 -0.34 19.65
N GLY A 303 17.75 0.62 18.72
CA GLY A 303 18.95 0.77 17.93
C GLY A 303 20.03 1.64 18.55
N ALA A 304 19.76 2.19 19.74
CA ALA A 304 20.74 2.98 20.49
C ALA A 304 21.11 4.28 19.76
N LEU A 305 20.12 4.92 19.15
CA LEU A 305 20.41 6.16 18.42
C LEU A 305 20.91 7.25 19.36
N LYS A 306 20.33 7.35 20.54
CA LYS A 306 20.76 8.35 21.52
C LYS A 306 21.52 7.66 22.64
N GLY A 307 22.77 8.07 22.83
CA GLY A 307 23.60 7.53 23.88
C GLY A 307 23.43 8.31 25.17
N ASP A 308 24.31 8.00 26.12
CA ASP A 308 24.27 8.64 27.42
C ASP A 308 25.70 8.73 27.95
N ARG A 309 25.84 9.15 29.21
CA ARG A 309 27.16 9.43 29.76
C ARG A 309 28.03 8.20 29.81
N MSE A 310 27.43 7.03 30.04
CA MSE A 310 28.23 5.78 30.21
C MSE A 310 28.33 4.95 28.93
O MSE A 310 29.31 4.18 28.81
CB MSE A 310 27.66 4.93 31.35
CG MSE A 310 28.30 3.57 31.48
SE MSE A 310 27.58 2.57 33.02
CE MSE A 310 25.63 2.79 33.09
N GLN A 311 27.38 5.09 28.00
CA GLN A 311 27.39 4.29 26.78
C GLN A 311 27.03 5.19 25.61
N VAL A 312 27.99 5.43 24.71
CA VAL A 312 27.76 6.33 23.58
C VAL A 312 26.78 5.73 22.59
N SER A 313 26.24 6.60 21.72
CA SER A 313 25.29 6.21 20.69
C SER A 313 25.81 5.05 19.85
N GLY A 314 24.92 4.10 19.55
CA GLY A 314 25.23 2.96 18.72
C GLY A 314 25.63 1.71 19.49
N LEU A 315 26.14 1.84 20.70
CA LEU A 315 26.60 0.69 21.46
C LEU A 315 25.45 0.09 22.24
N ARG A 316 25.42 -1.26 22.30
CA ARG A 316 24.33 -1.97 22.97
C ARG A 316 24.82 -2.98 24.01
N ASP A 317 26.10 -2.95 24.37
CA ASP A 317 26.63 -3.92 25.34
C ASP A 317 25.88 -3.88 26.66
N ILE A 318 25.49 -2.69 27.10
CA ILE A 318 24.75 -2.50 28.34
C ILE A 318 23.27 -2.32 27.99
N PRO A 319 22.36 -3.11 28.55
CA PRO A 319 20.94 -3.00 28.19
C PRO A 319 20.28 -1.88 28.99
N SER A 320 20.58 -0.65 28.56
CA SER A 320 20.16 0.55 29.27
C SER A 320 18.66 0.76 29.15
N PRO A 321 18.08 1.55 30.05
CA PRO A 321 16.64 1.79 29.99
C PRO A 321 16.16 2.32 28.66
N SER A 322 16.90 3.25 28.03
CA SER A 322 16.45 3.80 26.75
C SER A 322 16.45 2.76 25.64
N ILE A 323 17.34 1.77 25.71
CA ILE A 323 17.40 0.74 24.69
C ILE A 323 16.31 -0.30 24.88
N THR A 324 15.93 -0.59 26.11
CA THR A 324 14.99 -1.68 26.36
C THR A 324 13.53 -1.23 26.49
N ASP A 325 13.26 0.08 26.51
CA ASP A 325 11.89 0.59 26.67
C ASP A 325 11.30 0.71 25.26
N VAL A 326 10.52 -0.29 24.87
CA VAL A 326 10.09 -0.45 23.47
C VAL A 326 8.58 -0.32 23.36
N PRO A 327 8.08 0.28 22.27
CA PRO A 327 6.62 0.36 22.09
C PRO A 327 6.09 -1.00 21.69
N VAL A 328 5.08 -1.50 22.42
CA VAL A 328 4.37 -2.72 22.05
C VAL A 328 2.92 -2.35 21.74
N GLY A 329 2.45 -2.73 20.56
CA GLY A 329 1.10 -2.42 20.13
C GLY A 329 0.33 -3.67 19.74
N VAL A 330 -0.96 -3.68 20.03
CA VAL A 330 -1.86 -4.77 19.65
C VAL A 330 -2.99 -4.18 18.83
N LYS A 331 -3.32 -4.81 17.70
CA LYS A 331 -4.46 -4.37 16.90
C LYS A 331 -5.29 -5.57 16.51
N PHE A 332 -6.60 -5.44 16.65
CA PHE A 332 -7.56 -6.48 16.27
C PHE A 332 -8.25 -6.08 14.97
N PHE A 333 -8.39 -7.04 14.08
CA PHE A 333 -8.97 -6.85 12.76
C PHE A 333 -10.15 -7.80 12.61
N GLY A 334 -11.16 -7.33 11.89
CA GLY A 334 -12.32 -8.16 11.62
C GLY A 334 -13.33 -8.25 12.73
N MSE A 335 -13.31 -7.37 13.76
CA MSE A 335 -14.30 -7.38 14.81
C MSE A 335 -15.64 -6.85 14.30
O MSE A 335 -15.70 -6.00 13.41
CB MSE A 335 -13.83 -6.53 15.99
CG MSE A 335 -12.63 -7.11 16.71
SE MSE A 335 -11.95 -6.01 18.14
CE MSE A 335 -13.41 -6.29 19.41
N LYS A 336 -16.63 -7.42 15.00
CA LYS A 336 -17.98 -6.91 14.78
C LYS A 336 -18.07 -5.46 15.26
N ALA A 337 -17.42 -5.16 16.37
CA ALA A 337 -17.42 -3.82 16.97
C ALA A 337 -15.98 -3.39 17.14
N PRO A 338 -15.33 -2.91 16.07
CA PRO A 338 -13.92 -2.49 16.18
C PRO A 338 -13.75 -1.38 17.21
N HIS A 339 -12.57 -1.34 17.83
CA HIS A 339 -12.27 -0.32 18.81
C HIS A 339 -12.26 1.05 18.15
N GLN A 340 -12.80 2.05 18.84
CA GLN A 340 -13.05 3.33 18.20
C GLN A 340 -12.05 4.43 18.56
N GLY A 341 -11.73 4.62 19.83
CA GLY A 341 -10.95 5.78 20.23
C GLY A 341 -9.46 5.72 19.89
N ALA A 342 -8.70 6.47 20.67
CA ALA A 342 -7.25 6.33 20.66
C ALA A 342 -6.91 4.99 21.29
N PRO A 343 -5.70 4.47 21.09
CA PRO A 343 -5.30 3.22 21.74
C PRO A 343 -5.52 3.28 23.25
N ILE A 344 -5.99 2.17 23.82
CA ILE A 344 -5.98 2.00 25.26
C ILE A 344 -4.54 1.84 25.72
N VAL A 345 -4.14 2.64 26.70
CA VAL A 345 -2.75 2.67 27.14
C VAL A 345 -2.59 1.80 28.38
N ILE A 346 -1.59 0.93 28.36
CA ILE A 346 -1.23 0.16 29.57
C ILE A 346 0.06 0.82 30.08
N GLU A 347 -0.05 1.49 31.20
CA GLU A 347 1.11 2.26 31.72
C GLU A 347 1.99 1.43 32.67
N GLN A 348 1.45 0.41 33.30
CA GLN A 348 2.19 -0.35 34.32
C GLN A 348 3.39 -1.07 33.71
N PRO A 349 4.45 -1.29 34.49
CA PRO A 349 5.63 -2.00 33.97
C PRO A 349 5.25 -3.39 33.49
N SER A 350 5.62 -3.69 32.25
CA SER A 350 5.17 -4.90 31.58
C SER A 350 6.32 -5.54 30.83
N SER A 351 6.15 -6.83 30.53
CA SER A 351 7.06 -7.51 29.62
C SER A 351 6.32 -8.67 28.94
N PHE A 352 7.06 -9.68 28.48
CA PHE A 352 6.48 -10.67 27.59
C PHE A 352 5.34 -11.46 28.23
N LEU A 353 5.37 -11.65 29.55
CA LEU A 353 4.29 -12.41 30.18
C LEU A 353 2.94 -11.76 29.94
N ALA A 354 2.89 -10.43 29.86
CA ALA A 354 1.62 -9.75 29.57
C ALA A 354 1.12 -10.04 28.17
N ILE A 355 2.01 -10.23 27.19
CA ILE A 355 1.56 -10.60 25.85
C ILE A 355 0.92 -11.99 25.89
N SER A 356 1.57 -12.93 26.57
CA SER A 356 1.00 -14.28 26.67
C SER A 356 -0.36 -14.25 27.36
N ASP A 357 -0.48 -13.52 28.46
CA ASP A 357 -1.76 -13.48 29.15
C ASP A 357 -2.85 -12.81 28.31
N LEU A 358 -2.51 -11.77 27.53
CA LEU A 358 -3.49 -11.19 26.64
C LEU A 358 -3.95 -12.19 25.57
N VAL A 359 -3.01 -12.97 25.02
CA VAL A 359 -3.36 -13.99 24.05
C VAL A 359 -4.32 -15.00 24.68
N VAL A 360 -4.04 -15.45 25.91
CA VAL A 360 -4.95 -16.39 26.59
C VAL A 360 -6.35 -15.81 26.68
N ARG A 361 -6.46 -14.51 26.96
CA ARG A 361 -7.77 -13.90 27.13
C ARG A 361 -8.58 -13.88 25.83
N VAL A 362 -7.90 -13.91 24.69
CA VAL A 362 -8.55 -13.78 23.39
C VAL A 362 -8.75 -15.15 22.71
N LEU A 363 -8.21 -16.23 23.29
CA LEU A 363 -8.14 -17.54 22.64
C LEU A 363 -9.47 -18.00 22.06
N ASP A 364 -10.56 -17.80 22.80
CA ASP A 364 -11.86 -18.29 22.33
C ASP A 364 -12.43 -17.48 21.17
N GLY A 365 -11.80 -16.37 20.81
CA GLY A 365 -12.26 -15.59 19.67
C GLY A 365 -13.57 -14.87 19.87
N LYS A 366 -14.15 -14.89 21.07
CA LYS A 366 -15.45 -14.24 21.27
C LYS A 366 -15.39 -12.74 21.04
N ILE A 367 -14.22 -12.13 21.25
CA ILE A 367 -14.10 -10.68 21.06
C ILE A 367 -14.46 -10.27 19.63
N PHE A 368 -14.26 -11.16 18.65
CA PHE A 368 -14.52 -10.80 17.27
C PHE A 368 -15.99 -10.76 16.91
N THR A 369 -16.87 -11.38 17.71
CA THR A 369 -18.30 -11.40 17.42
C THR A 369 -19.14 -10.64 18.43
N GLU A 370 -18.54 -10.11 19.49
CA GLU A 370 -19.27 -9.43 20.55
C GLU A 370 -19.67 -8.03 20.13
N ASP A 371 -20.92 -7.65 20.44
CA ASP A 371 -21.42 -6.33 20.09
C ASP A 371 -20.99 -5.25 21.09
N ASN A 372 -20.84 -5.60 22.36
CA ASN A 372 -20.43 -4.65 23.40
C ASN A 372 -19.20 -5.22 24.11
N VAL A 373 -18.03 -4.95 23.54
CA VAL A 373 -16.78 -5.47 24.07
C VAL A 373 -16.44 -4.76 25.36
N ASP A 374 -16.15 -5.53 26.41
CA ASP A 374 -15.67 -5.02 27.69
C ASP A 374 -14.16 -4.81 27.53
N TRP A 375 -13.80 -3.67 26.95
CA TRP A 375 -12.39 -3.38 26.72
C TRP A 375 -11.62 -3.25 28.01
N LYS A 376 -12.26 -2.73 29.04
CA LYS A 376 -11.60 -2.60 30.32
C LYS A 376 -11.27 -3.98 30.89
N LYS A 377 -12.24 -4.91 30.83
CA LYS A 377 -11.96 -6.27 31.29
C LYS A 377 -10.77 -6.87 30.56
N LEU A 378 -10.69 -6.64 29.25
CA LEU A 378 -9.63 -7.23 28.44
C LEU A 378 -8.26 -6.68 28.82
N THR A 379 -8.18 -5.39 29.14
CA THR A 379 -6.91 -4.71 29.31
C THR A 379 -6.52 -4.48 30.76
N SER A 380 -7.32 -4.92 31.71
CA SER A 380 -7.05 -4.67 33.11
C SER A 380 -6.52 -5.90 33.81
N GLY A 381 -5.67 -5.68 34.80
CA GLY A 381 -5.18 -6.79 35.59
C GLY A 381 -4.18 -7.67 34.86
N LEU A 382 -3.57 -7.19 33.78
CA LEU A 382 -2.54 -7.97 33.14
C LEU A 382 -1.33 -8.06 34.06
N PRO A 383 -0.48 -9.08 33.90
CA PRO A 383 0.67 -9.22 34.79
C PRO A 383 1.68 -8.10 34.61
N GLN A 384 2.20 -7.63 35.73
CA GLN A 384 3.26 -6.63 35.77
C GLN A 384 4.59 -7.32 36.01
N THR A 385 5.64 -6.76 35.42
CA THR A 385 6.99 -7.30 35.56
C THR A 385 7.96 -6.13 35.77
N ALA A 386 8.82 -6.25 36.78
CA ALA A 386 9.82 -5.21 37.03
C ALA A 386 10.76 -5.12 35.82
N PRO A 387 11.27 -3.91 35.51
CA PRO A 387 12.13 -3.74 34.33
C PRO A 387 13.58 -4.15 34.60
N VAL A 388 13.81 -5.45 34.56
CA VAL A 388 15.14 -6.04 34.73
C VAL A 388 15.62 -6.42 33.33
N SER A 389 16.86 -6.05 32.99
CA SER A 389 17.37 -6.37 31.66
C SER A 389 18.76 -6.95 31.76
N GLU A 390 19.07 -7.91 30.89
CA GLU A 390 20.35 -8.59 30.91
C GLU A 390 20.88 -8.86 29.52
N ASN A 391 22.19 -8.73 29.38
CA ASN A 391 22.97 -9.40 28.35
C ASN A 391 23.93 -10.33 29.08
N SER A 392 24.85 -10.96 28.34
CA SER A 392 25.69 -12.00 28.93
C SER A 392 26.45 -11.51 30.17
N ASN A 393 26.99 -10.30 30.13
CA ASN A 393 27.79 -9.83 31.27
C ASN A 393 27.36 -8.47 31.78
N ALA A 394 26.06 -8.16 31.68
CA ALA A 394 25.59 -6.86 32.15
C ALA A 394 24.14 -7.02 32.56
N VAL A 395 23.81 -6.47 33.72
CA VAL A 395 22.43 -6.44 34.20
C VAL A 395 22.07 -5.00 34.56
N VAL A 396 20.86 -4.57 34.19
CA VAL A 396 20.34 -3.26 34.58
C VAL A 396 19.02 -3.48 35.30
N ILE A 397 18.84 -2.79 36.42
CA ILE A 397 17.59 -2.84 37.19
C ILE A 397 17.20 -1.44 37.61
N GLN A 398 15.94 -1.27 37.99
CA GLN A 398 15.46 -0.07 38.65
C GLN A 398 15.25 -0.43 40.11
N TYR A 399 15.89 0.32 41.00
CA TYR A 399 15.80 0.08 42.43
C TYR A 399 15.55 1.42 43.10
N GLN A 400 14.45 1.53 43.83
CA GLN A 400 14.00 2.79 44.39
C GLN A 400 13.97 3.88 43.32
N ASP A 401 13.36 3.54 42.18
CA ASP A 401 13.15 4.43 41.05
C ASP A 401 14.44 4.97 40.44
N LYS A 402 15.57 4.32 40.67
CA LYS A 402 16.80 4.74 40.01
C LYS A 402 17.44 3.54 39.32
N PRO A 403 18.07 3.74 38.17
CA PRO A 403 18.72 2.62 37.50
C PRO A 403 20.09 2.31 38.09
N TYR A 404 20.36 1.01 38.22
CA TYR A 404 21.66 0.51 38.63
C TYR A 404 22.11 -0.52 37.63
N VAL A 405 23.42 -0.67 37.50
CA VAL A 405 24.01 -1.58 36.54
C VAL A 405 25.09 -2.41 37.22
N ARG A 406 25.17 -3.68 36.83
CA ARG A 406 26.21 -4.60 37.30
C ARG A 406 26.91 -5.15 36.07
N LEU A 407 28.21 -4.86 35.94
CA LEU A 407 29.00 -5.26 34.79
C LEU A 407 30.00 -6.32 35.21
N ASN A 408 30.03 -7.42 34.47
CA ASN A 408 31.00 -8.49 34.69
C ASN A 408 30.88 -9.08 36.10
N GLY A 409 29.65 -9.16 36.60
CA GLY A 409 29.43 -9.76 37.91
C GLY A 409 30.12 -9.08 39.06
N GLY A 410 30.43 -7.79 38.92
CA GLY A 410 31.08 -7.03 39.98
C GLY A 410 30.10 -6.35 40.90
N ASP A 411 30.50 -5.20 41.44
CA ASP A 411 29.63 -4.41 42.29
C ASP A 411 28.60 -3.67 41.45
N TRP A 412 27.45 -3.40 42.05
CA TRP A 412 26.44 -2.56 41.40
C TRP A 412 26.87 -1.10 41.48
N VAL A 413 26.62 -0.36 40.40
CA VAL A 413 26.88 1.08 40.38
C VAL A 413 25.65 1.79 39.84
N PRO A 414 25.38 3.04 40.26
CA PRO A 414 24.27 3.78 39.66
C PRO A 414 24.52 3.99 38.17
N TYR A 415 23.46 3.80 37.38
CA TYR A 415 23.53 4.11 35.96
C TYR A 415 23.45 5.63 35.88
N PRO A 416 24.53 6.29 35.46
CA PRO A 416 24.59 7.75 35.59
C PRO A 416 23.58 8.43 34.69
N GLN A 417 22.94 9.46 35.23
CA GLN A 417 21.86 10.15 34.53
C GLN A 417 22.15 11.64 34.45
N ALA B 54 -15.44 11.85 -45.65
CA ALA B 54 -15.14 10.84 -46.65
C ALA B 54 -13.69 10.97 -47.10
N GLN B 55 -13.20 9.95 -47.83
CA GLN B 55 -11.79 9.87 -48.20
C GLN B 55 -11.62 9.29 -49.62
N THR B 56 -12.12 10.02 -50.63
CA THR B 56 -12.05 9.53 -52.00
C THR B 56 -10.82 10.01 -52.75
N ALA B 57 -10.32 11.22 -52.47
CA ALA B 57 -9.19 11.77 -53.19
C ALA B 57 -7.94 10.90 -52.99
N PRO B 58 -7.05 10.86 -53.96
CA PRO B 58 -5.82 10.08 -53.79
C PRO B 58 -5.01 10.62 -52.63
N PRO B 59 -4.21 9.75 -51.96
CA PRO B 59 -3.48 10.13 -50.74
C PRO B 59 -2.20 10.95 -50.96
N THR B 60 -2.32 12.03 -51.70
CA THR B 60 -1.18 12.92 -51.89
C THR B 60 -1.01 13.82 -50.67
N THR B 61 0.19 14.42 -50.56
CA THR B 61 0.46 15.34 -49.46
C THR B 61 -0.57 16.47 -49.42
N ALA B 62 -0.87 17.06 -50.58
CA ALA B 62 -1.86 18.13 -50.63
C ALA B 62 -3.22 17.64 -50.15
N ASN B 63 -3.63 16.44 -50.59
CA ASN B 63 -4.95 15.94 -50.22
C ASN B 63 -5.04 15.52 -48.76
N LEU B 64 -3.93 15.04 -48.18
CA LEU B 64 -3.96 14.69 -46.76
C LEU B 64 -3.88 15.93 -45.89
N ASN B 65 -3.10 16.93 -46.29
CA ASN B 65 -3.11 18.21 -45.58
C ASN B 65 -4.51 18.80 -45.59
N ALA B 66 -5.19 18.72 -46.76
CA ALA B 66 -6.55 19.24 -46.86
C ALA B 66 -7.51 18.43 -45.99
N TRP B 67 -7.40 17.10 -46.03
CA TRP B 67 -8.26 16.26 -45.19
C TRP B 67 -8.08 16.58 -43.71
N LEU B 68 -6.83 16.74 -43.26
CA LEU B 68 -6.60 17.04 -41.85
C LEU B 68 -7.15 18.40 -41.48
N ASN B 69 -6.96 19.39 -42.36
CA ASN B 69 -7.48 20.76 -42.14
C ASN B 69 -9.01 20.69 -42.07
N ASN B 70 -9.62 19.87 -42.91
CA ASN B 70 -11.07 19.69 -42.93
C ASN B 70 -11.56 19.02 -41.66
N PHE B 71 -10.81 18.04 -41.17
CA PHE B 71 -11.15 17.35 -39.92
C PHE B 71 -11.20 18.35 -38.76
N TYR B 72 -10.16 19.18 -38.63
CA TYR B 72 -10.15 20.17 -37.55
C TYR B 72 -11.31 21.15 -37.71
N ASN B 73 -11.61 21.56 -38.94
CA ASN B 73 -12.71 22.51 -39.15
C ASN B 73 -14.03 21.94 -38.69
N ALA B 74 -14.28 20.66 -38.99
CA ALA B 74 -15.51 19.99 -38.57
C ALA B 74 -15.52 19.77 -37.06
N GLU B 75 -14.38 19.35 -36.49
CA GLU B 75 -14.33 19.12 -35.05
C GLU B 75 -14.59 20.38 -34.25
N ALA B 76 -14.21 21.54 -34.78
CA ALA B 76 -14.38 22.79 -34.05
C ALA B 76 -15.84 23.14 -33.85
N LYS B 77 -16.75 22.50 -34.59
CA LYS B 77 -18.18 22.74 -34.46
C LYS B 77 -18.85 21.76 -33.51
N ARG B 78 -18.11 20.77 -32.99
CA ARG B 78 -18.70 19.69 -32.20
C ARG B 78 -18.62 20.02 -30.72
N LYS B 79 -19.72 19.79 -30.01
CA LYS B 79 -19.81 20.04 -28.58
C LYS B 79 -20.58 18.90 -27.94
N SER B 80 -20.21 18.60 -26.70
CA SER B 80 -21.00 17.72 -25.84
C SER B 80 -21.77 18.65 -24.91
N THR B 81 -23.08 18.78 -25.13
CA THR B 81 -23.88 19.79 -24.46
C THR B 81 -24.47 19.25 -23.17
N PHE B 82 -24.25 19.97 -22.09
CA PHE B 82 -24.75 19.66 -20.77
C PHE B 82 -26.03 20.44 -20.51
N PRO B 83 -26.95 19.88 -19.72
CA PRO B 83 -28.18 20.61 -19.41
C PRO B 83 -27.92 21.79 -18.50
N SER B 84 -28.87 22.74 -18.52
CA SER B 84 -28.75 23.91 -17.67
C SER B 84 -28.99 23.57 -16.20
N SER B 85 -29.70 22.48 -15.91
CA SER B 85 -29.94 22.06 -14.54
C SER B 85 -30.32 20.59 -14.56
N LEU B 86 -30.27 19.95 -13.38
CA LEU B 86 -30.77 18.60 -13.26
C LEU B 86 -32.20 18.62 -12.76
N PRO B 87 -33.01 17.61 -13.09
CA PRO B 87 -34.36 17.54 -12.52
C PRO B 87 -34.25 17.38 -11.01
N ALA B 88 -35.33 17.78 -10.33
CA ALA B 88 -35.28 17.76 -8.87
C ALA B 88 -35.16 16.33 -8.33
N ASP B 89 -35.63 15.31 -9.06
CA ASP B 89 -35.52 13.92 -8.61
C ASP B 89 -34.22 13.24 -9.03
N ALA B 90 -33.24 13.99 -9.52
CA ALA B 90 -31.97 13.39 -9.92
C ALA B 90 -31.28 12.74 -8.73
N GLN B 91 -30.57 11.64 -9.00
CA GLN B 91 -29.92 10.87 -7.96
C GLN B 91 -28.44 11.23 -7.90
N PRO B 92 -27.90 11.66 -6.76
CA PRO B 92 -26.46 11.96 -6.70
C PRO B 92 -25.62 10.70 -6.85
N PHE B 93 -24.45 10.88 -7.46
CA PHE B 93 -23.48 9.79 -7.59
C PHE B 93 -22.10 10.41 -7.73
N GLU B 94 -21.08 9.55 -7.68
CA GLU B 94 -19.69 9.99 -7.79
C GLU B 94 -19.09 9.48 -9.10
N LEU B 95 -18.30 10.35 -9.75
CA LEU B 95 -17.55 9.99 -10.94
C LEU B 95 -16.08 9.91 -10.59
N LEU B 96 -15.42 8.84 -11.02
CA LEU B 96 -13.98 8.68 -10.82
C LEU B 96 -13.35 8.34 -12.17
N VAL B 97 -12.47 9.21 -12.64
CA VAL B 97 -11.77 9.01 -13.92
C VAL B 97 -10.35 8.59 -13.59
N ILE B 98 -9.98 7.38 -14.02
CA ILE B 98 -8.67 6.81 -13.76
C ILE B 98 -7.86 6.91 -15.06
N ASN B 99 -6.90 7.83 -15.08
CA ASN B 99 -6.11 8.15 -16.26
C ASN B 99 -4.74 7.46 -16.10
N ILE B 100 -4.45 6.49 -16.96
CA ILE B 100 -3.34 5.54 -16.79
C ILE B 100 -2.27 5.78 -17.84
N CYS B 101 -1.04 5.98 -17.40
CA CYS B 101 0.05 6.14 -18.36
C CYS B 101 0.48 4.79 -18.94
N SER B 102 0.82 4.76 -20.23
CA SER B 102 1.53 3.63 -20.83
C SER B 102 0.76 2.32 -20.87
N LEU B 103 -0.44 2.33 -21.45
CA LEU B 103 -1.28 1.14 -21.54
C LEU B 103 -2.09 1.22 -22.84
N SER B 104 -1.81 0.33 -23.78
CA SER B 104 -2.59 0.20 -25.00
C SER B 104 -2.98 -1.26 -25.21
N TRP B 105 -3.92 -1.50 -26.14
CA TRP B 105 -4.26 -2.88 -26.47
C TRP B 105 -3.03 -3.65 -26.92
N SER B 106 -2.17 -3.01 -27.72
CA SER B 106 -0.94 -3.66 -28.17
C SER B 106 -0.07 -4.08 -26.99
N ASP B 107 0.09 -3.21 -25.99
CA ASP B 107 0.87 -3.56 -24.80
C ASP B 107 0.26 -4.76 -24.09
N ILE B 108 -1.07 -4.77 -23.93
CA ILE B 108 -1.72 -5.86 -23.21
C ILE B 108 -1.52 -7.17 -23.93
N GLU B 109 -1.66 -7.16 -25.26
CA GLU B 109 -1.41 -8.36 -26.05
C GLU B 109 0.06 -8.78 -25.94
N ALA B 110 0.98 -7.82 -26.05
CA ALA B 110 2.40 -8.14 -25.99
C ALA B 110 2.80 -8.70 -24.63
N ALA B 111 2.12 -8.27 -23.57
CA ALA B 111 2.39 -8.72 -22.22
C ALA B 111 1.61 -9.98 -21.87
N GLY B 112 0.79 -10.49 -22.79
CA GLY B 112 0.03 -11.70 -22.56
C GLY B 112 -1.02 -11.58 -21.47
N LEU B 113 -1.69 -10.42 -21.38
CA LEU B 113 -2.64 -10.15 -20.30
C LEU B 113 -4.05 -9.88 -20.80
N MSE B 114 -4.45 -10.17 -22.04
CA MSE B 114 -5.81 -10.05 -22.54
C MSE B 114 -6.79 -10.90 -21.74
O MSE B 114 -8.00 -10.64 -21.80
CB MSE B 114 -5.86 -10.49 -24.01
CG MSE B 114 -5.08 -9.57 -24.94
SE MSE B 114 -5.70 -7.76 -24.96
CE MSE B 114 -7.45 -8.08 -25.78
N SER B 115 -6.44 -11.88 -21.10
CA SER B 115 -7.38 -12.69 -20.35
C SER B 115 -7.47 -12.32 -18.87
N HIS B 116 -6.81 -11.25 -18.45
CA HIS B 116 -6.90 -10.86 -17.05
C HIS B 116 -8.35 -10.57 -16.69
N PRO B 117 -8.81 -10.98 -15.51
CA PRO B 117 -10.23 -10.79 -15.16
C PRO B 117 -10.69 -9.34 -15.18
N LEU B 118 -9.77 -8.37 -15.08
CA LEU B 118 -10.15 -6.96 -15.07
C LEU B 118 -10.98 -6.60 -16.29
N TRP B 119 -10.57 -7.05 -17.47
CA TRP B 119 -11.26 -6.67 -18.71
C TRP B 119 -12.69 -7.20 -18.76
N SER B 120 -12.97 -8.30 -18.07
CA SER B 120 -14.31 -8.89 -18.08
C SER B 120 -15.27 -8.21 -17.12
N HIS B 121 -14.80 -7.29 -16.28
CA HIS B 121 -15.61 -6.71 -15.22
C HIS B 121 -16.26 -5.38 -15.59
N PHE B 122 -15.91 -4.81 -16.74
CA PHE B 122 -16.50 -3.53 -17.12
C PHE B 122 -17.92 -3.72 -17.65
N ASP B 123 -18.71 -2.66 -17.57
CA ASP B 123 -20.03 -2.63 -18.18
C ASP B 123 -19.98 -2.22 -19.63
N ILE B 124 -19.06 -1.32 -19.99
CA ILE B 124 -18.90 -0.81 -21.34
C ILE B 124 -17.41 -0.83 -21.67
N GLU B 125 -17.07 -1.29 -22.87
CA GLU B 125 -15.68 -1.40 -23.30
C GLU B 125 -15.57 -0.84 -24.71
N PHE B 126 -14.65 0.10 -24.92
CA PHE B 126 -14.35 0.61 -26.25
C PHE B 126 -13.20 -0.18 -26.86
N LYS B 127 -13.41 -0.70 -28.08
CA LYS B 127 -12.36 -1.45 -28.76
C LYS B 127 -11.64 -0.65 -29.85
N ASN B 128 -12.14 0.53 -30.18
CA ASN B 128 -11.50 1.39 -31.19
C ASN B 128 -11.48 2.84 -30.72
N PHE B 129 -10.98 3.04 -29.51
CA PHE B 129 -10.82 4.37 -28.94
C PHE B 129 -9.42 4.86 -29.25
N ASN B 130 -9.31 6.10 -29.73
CA ASN B 130 -8.04 6.69 -30.11
C ASN B 130 -7.66 7.78 -29.12
N SER B 131 -6.44 7.68 -28.55
CA SER B 131 -5.97 8.66 -27.58
C SER B 131 -5.56 9.99 -28.20
N ALA B 132 -5.39 10.06 -29.52
CA ALA B 132 -5.09 11.27 -30.28
C ALA B 132 -3.70 11.84 -30.04
N THR B 133 -2.84 11.15 -29.29
CA THR B 133 -1.50 11.61 -28.98
C THR B 133 -0.76 10.47 -28.30
N SER B 134 0.57 10.54 -28.34
CA SER B 134 1.37 9.61 -27.54
C SER B 134 2.19 10.32 -26.47
N TYR B 135 1.86 11.57 -26.16
CA TYR B 135 2.51 12.37 -25.12
C TYR B 135 1.58 12.51 -23.92
N SER B 136 2.15 12.49 -22.71
CA SER B 136 1.36 12.36 -21.48
C SER B 136 0.57 13.62 -21.13
N GLY B 137 1.24 14.76 -21.05
CA GLY B 137 0.59 16.02 -20.79
C GLY B 137 -0.54 16.27 -21.77
N PRO B 138 -0.23 16.25 -23.06
CA PRO B 138 -1.29 16.41 -24.08
C PRO B 138 -2.46 15.45 -23.90
N ALA B 139 -2.20 14.18 -23.56
CA ALA B 139 -3.30 13.24 -23.38
C ALA B 139 -4.21 13.67 -22.24
N ALA B 140 -3.62 14.14 -21.13
CA ALA B 140 -4.43 14.62 -20.01
C ALA B 140 -5.22 15.86 -20.38
N ILE B 141 -4.61 16.80 -21.11
CA ILE B 141 -5.33 17.99 -21.55
C ILE B 141 -6.51 17.61 -22.44
N ARG B 142 -6.30 16.66 -23.36
CA ARG B 142 -7.38 16.26 -24.26
C ARG B 142 -8.55 15.67 -23.49
N LEU B 143 -8.25 14.84 -22.49
CA LEU B 143 -9.30 14.27 -21.65
C LEU B 143 -10.01 15.36 -20.84
N LEU B 144 -9.25 16.29 -20.26
CA LEU B 144 -9.89 17.36 -19.51
C LEU B 144 -10.71 18.30 -20.39
N ARG B 145 -10.41 18.36 -21.69
CA ARG B 145 -11.18 19.12 -22.67
C ARG B 145 -12.10 18.22 -23.48
N ALA B 146 -12.62 17.15 -22.87
CA ALA B 146 -13.35 16.13 -23.62
C ALA B 146 -14.67 16.62 -24.18
N SER B 147 -15.20 17.74 -23.70
CA SER B 147 -16.54 18.17 -24.10
C SER B 147 -16.57 18.96 -25.40
N CYS B 148 -15.43 19.20 -26.05
CA CYS B 148 -15.39 19.85 -27.35
C CYS B 148 -14.63 18.97 -28.32
N GLY B 149 -14.82 19.22 -29.61
CA GLY B 149 -14.17 18.40 -30.62
C GLY B 149 -12.65 18.49 -30.55
N GLN B 150 -12.01 17.51 -31.19
CA GLN B 150 -10.57 17.37 -31.16
C GLN B 150 -9.88 18.56 -31.84
N THR B 151 -8.87 19.13 -31.17
CA THR B 151 -8.06 20.19 -31.77
C THR B 151 -6.66 19.70 -32.11
N SER B 152 -5.93 20.55 -32.83
CA SER B 152 -4.52 20.30 -33.09
C SER B 152 -3.71 20.33 -31.80
N HIS B 153 -2.51 19.77 -31.87
CA HIS B 153 -1.60 19.77 -30.71
C HIS B 153 -1.32 21.19 -30.21
N THR B 154 -0.97 22.12 -31.10
CA THR B 154 -0.62 23.44 -30.59
C THR B 154 -1.83 24.14 -29.97
N ASN B 155 -3.04 23.80 -30.41
CA ASN B 155 -4.23 24.41 -29.82
C ASN B 155 -4.59 23.85 -28.44
N LEU B 156 -3.93 22.78 -27.99
CA LEU B 156 -4.04 22.37 -26.59
C LEU B 156 -3.40 23.38 -25.64
N TYR B 157 -2.50 24.21 -26.15
CA TYR B 157 -1.80 25.20 -25.36
C TYR B 157 -2.32 26.61 -25.60
N GLN B 158 -3.46 26.72 -26.25
CA GLN B 158 -4.24 27.92 -26.44
C GLN B 158 -5.56 27.79 -25.69
N PRO B 159 -6.17 28.90 -25.30
CA PRO B 159 -7.44 28.81 -24.55
C PRO B 159 -8.53 28.10 -25.35
N ALA B 160 -9.41 27.44 -24.62
CA ALA B 160 -10.60 26.83 -25.18
C ALA B 160 -11.80 27.45 -24.49
N ASN B 161 -12.97 27.31 -25.10
CA ASN B 161 -14.19 27.81 -24.48
C ASN B 161 -14.42 27.10 -23.15
N ASN B 162 -15.05 27.82 -22.22
CA ASN B 162 -15.22 27.28 -20.88
C ASN B 162 -16.05 26.00 -20.87
N ASP B 163 -16.96 25.84 -21.82
CA ASP B 163 -17.77 24.63 -21.83
C ASP B 163 -17.08 23.43 -22.47
N CYS B 164 -15.79 23.56 -22.82
CA CYS B 164 -15.03 22.41 -23.29
C CYS B 164 -14.50 21.57 -22.15
N TYR B 165 -14.41 22.14 -20.95
CA TYR B 165 -13.76 21.48 -19.82
C TYR B 165 -14.76 20.58 -19.10
N LEU B 166 -14.58 19.27 -19.23
CA LEU B 166 -15.49 18.28 -18.67
C LEU B 166 -15.77 18.49 -17.19
N PHE B 167 -14.72 18.68 -16.38
CA PHE B 167 -14.91 18.80 -14.95
C PHE B 167 -15.54 20.13 -14.56
N ASP B 168 -15.35 21.18 -15.37
CA ASP B 168 -16.05 22.43 -15.12
C ASP B 168 -17.53 22.30 -15.47
N ASN B 169 -17.84 21.57 -16.54
CA ASN B 169 -19.25 21.31 -16.86
C ASN B 169 -19.93 20.55 -15.73
N LEU B 170 -19.23 19.60 -15.12
CA LEU B 170 -19.82 18.85 -14.00
C LEU B 170 -19.94 19.71 -12.75
N SER B 171 -18.95 20.57 -12.50
CA SER B 171 -19.02 21.45 -11.32
C SER B 171 -20.22 22.37 -11.37
N LYS B 172 -20.59 22.84 -12.56
CA LYS B 172 -21.74 23.70 -12.72
C LYS B 172 -23.04 23.00 -12.34
N LEU B 173 -23.04 21.66 -12.35
CA LEU B 173 -24.20 20.87 -11.99
C LEU B 173 -24.09 20.22 -10.61
N GLY B 174 -23.13 20.65 -9.78
CA GLY B 174 -23.05 20.21 -8.40
C GLY B 174 -21.99 19.18 -8.06
N PHE B 175 -21.19 18.73 -9.03
CA PHE B 175 -20.18 17.72 -8.78
C PHE B 175 -18.90 18.38 -8.29
N THR B 176 -18.63 18.27 -6.98
CA THR B 176 -17.41 18.80 -6.39
C THR B 176 -16.19 18.12 -7.01
N GLN B 177 -15.17 18.91 -7.36
CA GLN B 177 -13.97 18.41 -8.03
C GLN B 177 -12.91 17.94 -7.05
N HIS B 178 -12.21 16.87 -7.41
CA HIS B 178 -11.07 16.34 -6.62
C HIS B 178 -9.95 15.98 -7.60
N LEU B 179 -8.72 16.21 -7.19
CA LEU B 179 -7.54 15.85 -8.00
C LEU B 179 -6.63 14.96 -7.18
N MSE B 180 -6.28 13.79 -7.70
CA MSE B 180 -5.40 12.84 -6.96
C MSE B 180 -4.41 12.20 -7.94
O MSE B 180 -4.83 11.88 -9.07
CB MSE B 180 -6.25 11.76 -6.27
CG MSE B 180 -6.84 10.74 -7.23
SE MSE B 180 -7.56 9.18 -6.28
CE MSE B 180 -6.71 9.04 -4.51
N MSE B 181 -3.15 12.05 -7.52
CA MSE B 181 -2.14 11.45 -8.41
C MSE B 181 -1.27 10.45 -7.66
O MSE B 181 -1.07 10.64 -6.50
CB MSE B 181 -1.19 12.49 -9.03
CG MSE B 181 -1.85 13.48 -9.92
SE MSE B 181 -0.67 14.64 -10.93
CE MSE B 181 -1.91 15.57 -12.16
N GLY B 182 -0.78 9.45 -8.38
CA GLY B 182 0.12 8.47 -7.80
C GLY B 182 1.58 8.90 -7.89
N HIS B 183 1.82 10.19 -7.98
CA HIS B 183 3.14 10.78 -8.17
C HIS B 183 2.99 12.28 -7.98
N ASN B 184 4.11 13.01 -8.03
CA ASN B 184 4.03 14.45 -7.76
C ASN B 184 3.86 15.31 -9.01
N GLY B 185 3.87 14.72 -10.20
CA GLY B 185 3.59 15.47 -11.42
C GLY B 185 4.65 16.46 -11.86
N GLN B 186 5.86 16.40 -11.30
CA GLN B 186 6.85 17.41 -11.68
C GLN B 186 7.53 17.07 -13.01
N PHE B 187 7.81 15.79 -13.26
CA PHE B 187 8.47 15.42 -14.50
C PHE B 187 7.64 15.85 -15.70
N GLY B 188 8.32 16.39 -16.71
CA GLY B 188 7.68 16.86 -17.92
C GLY B 188 6.74 18.03 -17.74
N GLY B 189 6.77 18.68 -16.57
CA GLY B 189 5.82 19.75 -16.28
C GLY B 189 4.38 19.30 -16.35
N PHE B 190 4.11 18.05 -15.99
CA PHE B 190 2.79 17.47 -16.21
C PHE B 190 1.73 18.19 -15.39
N LEU B 191 1.97 18.36 -14.09
CA LEU B 191 0.98 19.03 -13.26
C LEU B 191 0.73 20.45 -13.72
N LYS B 192 1.78 21.18 -14.11
CA LYS B 192 1.59 22.53 -14.60
C LYS B 192 0.68 22.57 -15.83
N GLU B 193 0.85 21.62 -16.75
CA GLU B 193 -0.03 21.54 -17.92
C GLU B 193 -1.45 21.18 -17.52
N VAL B 194 -1.61 20.26 -16.56
CA VAL B 194 -2.94 19.90 -16.08
C VAL B 194 -3.65 21.12 -15.52
N ARG B 195 -2.92 21.97 -14.79
CA ARG B 195 -3.48 23.19 -14.22
C ARG B 195 -3.73 24.24 -15.30
N GLU B 196 -2.70 24.58 -16.07
CA GLU B 196 -2.78 25.74 -16.94
C GLU B 196 -3.62 25.47 -18.18
N ASN B 197 -3.45 24.32 -18.81
CA ASN B 197 -4.14 24.01 -20.06
C ASN B 197 -5.33 23.09 -19.87
N GLY B 198 -5.26 22.18 -18.90
CA GLY B 198 -6.42 21.37 -18.58
C GLY B 198 -7.42 22.03 -17.67
N GLY B 199 -7.07 23.19 -17.10
CA GLY B 199 -8.00 23.94 -16.28
C GLY B 199 -8.28 23.36 -14.91
N MSE B 200 -7.50 22.34 -14.53
CA MSE B 200 -7.67 21.67 -13.22
C MSE B 200 -6.97 22.50 -12.13
O MSE B 200 -5.73 22.54 -12.14
CB MSE B 200 -7.09 20.25 -13.28
CG MSE B 200 -7.04 19.55 -11.93
SE MSE B 200 -8.83 19.01 -11.35
CE MSE B 200 -9.97 18.67 -12.92
N GLN B 201 -7.75 23.13 -11.26
CA GLN B 201 -7.17 23.96 -10.18
C GLN B 201 -7.39 23.40 -8.77
N SER B 202 -7.99 22.35 -8.57
CA SER B 202 -8.22 21.67 -7.27
C SER B 202 -6.89 21.38 -6.57
N GLU B 203 -6.91 21.44 -5.30
CA GLU B 203 -5.70 21.12 -4.54
C GLU B 203 -5.39 19.62 -4.70
N LEU B 204 -4.13 19.28 -4.88
CA LEU B 204 -3.74 17.87 -5.02
C LEU B 204 -4.02 17.20 -3.69
N MSE B 205 -4.72 16.06 -3.72
CA MSE B 205 -5.03 15.30 -2.49
C MSE B 205 -3.73 15.02 -1.74
O MSE B 205 -2.69 14.84 -2.41
CB MSE B 205 -5.75 13.99 -2.84
CG MSE B 205 -6.28 13.23 -1.64
SE MSE B 205 -7.85 12.15 -2.09
CE MSE B 205 -8.82 13.01 -3.57
N ASP B 206 -3.79 14.99 -0.40
CA ASP B 206 -2.60 14.74 0.46
C ASP B 206 -1.93 13.43 0.08
N GLN B 207 -0.60 13.45 -0.04
CA GLN B 207 0.19 12.28 -0.39
C GLN B 207 1.14 11.83 0.73
N THR B 208 1.11 12.46 1.89
CA THR B 208 2.06 12.10 2.93
C THR B 208 1.77 10.71 3.49
N ASN B 209 2.85 10.02 3.87
CA ASN B 209 2.79 8.70 4.50
C ASN B 209 2.27 7.61 3.56
N LEU B 210 2.28 7.84 2.25
CA LEU B 210 1.89 6.78 1.32
C LEU B 210 3.09 5.89 1.02
N PRO B 211 2.89 4.58 0.89
CA PRO B 211 4.03 3.71 0.52
C PRO B 211 4.47 3.96 -0.91
N VAL B 212 5.79 3.90 -1.11
CA VAL B 212 6.42 4.15 -2.41
C VAL B 212 6.80 2.80 -3.01
N ILE B 213 6.33 2.51 -4.23
CA ILE B 213 6.55 1.21 -4.86
C ILE B 213 7.69 1.27 -5.88
N LEU B 214 7.85 2.42 -6.51
CA LEU B 214 8.86 2.61 -7.55
C LEU B 214 9.32 4.05 -7.47
N LEU B 215 10.43 4.34 -8.11
CA LEU B 215 10.85 5.72 -8.32
C LEU B 215 10.70 6.03 -9.80
N GLY B 216 10.22 7.24 -10.08
CA GLY B 216 10.05 7.68 -11.44
C GLY B 216 11.37 7.85 -12.11
N PHE B 217 11.32 8.34 -13.35
CA PHE B 217 12.55 8.59 -14.16
C PHE B 217 13.40 9.68 -13.49
N ASP B 218 12.77 10.63 -12.82
CA ASP B 218 13.46 11.74 -12.16
C ASP B 218 13.81 11.42 -10.71
N GLY B 219 13.58 10.19 -10.27
CA GLY B 219 13.83 9.80 -8.90
C GLY B 219 12.73 10.11 -7.92
N SER B 220 11.60 10.66 -8.38
CA SER B 220 10.50 11.03 -7.49
C SER B 220 9.64 9.81 -7.18
N PRO B 221 8.79 9.88 -6.14
CA PRO B 221 8.04 8.69 -5.73
C PRO B 221 6.90 8.33 -6.69
N VAL B 222 6.73 7.03 -6.87
CA VAL B 222 5.50 6.46 -7.44
C VAL B 222 4.81 5.72 -6.31
N TYR B 223 3.58 6.13 -5.97
CA TYR B 223 2.89 5.61 -4.81
C TYR B 223 2.05 4.38 -5.15
N ASP B 224 1.90 3.48 -4.18
CA ASP B 224 1.07 2.29 -4.38
C ASP B 224 -0.38 2.67 -4.69
N ASP B 225 -0.91 2.13 -5.79
CA ASP B 225 -2.27 2.49 -6.21
C ASP B 225 -3.32 2.09 -5.18
N THR B 226 -3.18 0.91 -4.57
CA THR B 226 -4.15 0.49 -3.55
C THR B 226 -4.23 1.50 -2.41
N ALA B 227 -3.07 1.98 -1.95
CA ALA B 227 -3.06 2.96 -0.86
C ALA B 227 -3.67 4.29 -1.30
N VAL B 228 -3.39 4.73 -2.52
CA VAL B 228 -3.95 5.99 -3.01
C VAL B 228 -5.46 5.87 -3.13
N LEU B 229 -5.95 4.78 -3.72
CA LEU B 229 -7.38 4.59 -3.89
C LEU B 229 -8.09 4.40 -2.54
N ASN B 230 -7.46 3.67 -1.61
CA ASN B 230 -8.05 3.52 -0.28
C ASN B 230 -8.17 4.87 0.42
N ARG B 231 -7.17 5.75 0.22
CA ARG B 231 -7.22 7.08 0.81
C ARG B 231 -8.36 7.90 0.21
N TRP B 232 -8.53 7.81 -1.11
CA TRP B 232 -9.68 8.46 -1.75
C TRP B 232 -10.99 7.99 -1.15
N LEU B 233 -11.13 6.67 -0.95
CA LEU B 233 -12.33 6.11 -0.35
C LEU B 233 -12.62 6.74 1.01
N ASP B 234 -11.60 6.76 1.89
CA ASP B 234 -11.82 7.27 3.23
C ASP B 234 -12.03 8.78 3.23
N VAL B 235 -11.29 9.51 2.38
CA VAL B 235 -11.41 10.96 2.35
C VAL B 235 -12.79 11.39 1.87
N THR B 236 -13.37 10.67 0.92
CA THR B 236 -14.67 11.04 0.37
C THR B 236 -15.85 10.43 1.12
N GLU B 237 -15.60 9.56 2.09
CA GLU B 237 -16.71 8.85 2.74
C GLU B 237 -17.62 9.80 3.50
N LYS B 238 -17.07 10.86 4.09
CA LYS B 238 -17.87 11.80 4.85
C LYS B 238 -18.94 12.47 3.98
N ASP B 239 -18.65 12.68 2.70
CA ASP B 239 -19.64 13.23 1.75
C ASP B 239 -20.45 12.08 1.19
N LYS B 240 -19.82 11.27 0.34
CA LYS B 240 -20.29 10.09 -0.37
C LYS B 240 -21.70 10.12 -0.97
N ASN B 241 -22.71 10.58 -0.25
CA ASN B 241 -24.02 10.68 -0.89
C ASN B 241 -24.25 12.02 -1.57
N SER B 242 -23.20 12.81 -1.76
CA SER B 242 -23.25 14.00 -2.60
C SER B 242 -22.50 13.74 -3.89
N ARG B 243 -22.64 14.67 -4.83
CA ARG B 243 -22.03 14.53 -6.14
C ARG B 243 -20.58 14.97 -6.08
N SER B 244 -19.71 14.20 -6.75
CA SER B 244 -18.32 14.61 -6.91
C SER B 244 -17.76 13.98 -8.17
N ALA B 245 -16.69 14.60 -8.67
CA ALA B 245 -15.96 14.11 -9.84
C ALA B 245 -14.48 14.19 -9.53
N THR B 246 -13.79 13.05 -9.65
CA THR B 246 -12.37 12.96 -9.32
C THR B 246 -11.56 12.61 -10.55
N PHE B 247 -10.44 13.31 -10.73
CA PHE B 247 -9.46 12.99 -11.76
C PHE B 247 -8.25 12.37 -11.07
N TYR B 248 -7.89 11.13 -11.44
CA TYR B 248 -6.78 10.41 -10.86
C TYR B 248 -5.80 10.05 -11.97
N ASN B 249 -4.55 10.51 -11.86
CA ASN B 249 -3.51 10.14 -12.82
C ASN B 249 -2.48 9.25 -12.16
N THR B 250 -2.19 8.11 -12.80
CA THR B 250 -1.29 7.12 -12.25
C THR B 250 -0.36 6.59 -13.34
N LEU B 251 0.92 6.35 -12.99
CA LEU B 251 1.91 5.98 -13.99
C LEU B 251 2.85 4.84 -13.62
N PRO B 252 2.44 3.81 -12.88
CA PRO B 252 3.40 2.74 -12.56
C PRO B 252 3.91 1.97 -13.77
N LEU B 253 3.17 1.98 -14.88
CA LEU B 253 3.61 1.25 -16.07
C LEU B 253 4.62 2.00 -16.91
N HIS B 254 4.92 3.25 -16.56
CA HIS B 254 5.88 4.05 -17.32
C HIS B 254 7.24 3.37 -17.37
N ASP B 255 7.81 3.31 -18.57
CA ASP B 255 9.17 2.80 -18.73
C ASP B 255 10.14 3.67 -17.95
N GLY B 256 11.23 3.07 -17.50
CA GLY B 256 12.15 3.87 -16.72
C GLY B 256 11.73 4.20 -15.30
N ASN B 257 10.53 3.83 -14.87
CA ASN B 257 10.31 3.64 -13.43
C ASN B 257 11.24 2.53 -12.96
N HIS B 258 11.76 2.67 -11.73
CA HIS B 258 12.67 1.64 -11.22
C HIS B 258 12.39 1.36 -9.76
N TYR B 259 12.57 0.09 -9.38
CA TYR B 259 12.43 -0.33 -7.99
C TYR B 259 13.64 0.13 -7.19
N PRO B 260 13.46 0.86 -6.10
CA PRO B 260 14.62 1.39 -5.37
C PRO B 260 15.38 0.34 -4.56
N GLY B 261 14.95 -0.92 -4.58
CA GLY B 261 15.67 -1.96 -3.88
C GLY B 261 16.79 -2.56 -4.70
N VAL B 262 17.32 -3.67 -4.20
CA VAL B 262 18.48 -4.32 -4.80
C VAL B 262 18.07 -5.23 -5.95
N SER B 263 16.93 -5.89 -5.84
CA SER B 263 16.47 -6.76 -6.92
C SER B 263 16.03 -5.92 -8.13
N LYS B 264 15.96 -6.57 -9.27
CA LYS B 264 15.65 -5.84 -10.53
C LYS B 264 14.20 -5.36 -10.59
N THR B 265 14.03 -4.23 -11.23
CA THR B 265 12.68 -3.71 -11.45
C THR B 265 11.86 -4.74 -12.21
N ALA B 266 10.65 -5.00 -11.72
CA ALA B 266 9.76 -5.89 -12.44
C ALA B 266 9.53 -5.36 -13.85
N ASP B 267 9.46 -6.26 -14.82
CA ASP B 267 9.26 -5.83 -16.20
C ASP B 267 7.81 -5.36 -16.40
N TYR B 268 7.52 -4.90 -17.62
CA TYR B 268 6.19 -4.34 -17.89
C TYR B 268 5.09 -5.33 -17.54
N LYS B 269 5.24 -6.58 -17.96
CA LYS B 269 4.21 -7.57 -17.69
C LYS B 269 3.94 -7.71 -16.19
N ALA B 270 5.00 -7.75 -15.39
CA ALA B 270 4.82 -7.88 -13.94
C ALA B 270 4.19 -6.62 -13.34
N ARG B 271 4.60 -5.44 -13.80
CA ARG B 271 3.98 -4.21 -13.30
C ARG B 271 2.51 -4.14 -13.72
N ALA B 272 2.20 -4.55 -14.95
CA ALA B 272 0.83 -4.54 -15.41
C ALA B 272 -0.04 -5.56 -14.67
N GLN B 273 0.50 -6.77 -14.47
CA GLN B 273 -0.24 -7.76 -13.69
C GLN B 273 -0.57 -7.23 -12.30
N LYS B 274 0.41 -6.59 -11.66
CA LYS B 274 0.16 -6.04 -10.33
C LYS B 274 -0.88 -4.93 -10.36
N PHE B 275 -0.76 -4.00 -11.31
CA PHE B 275 -1.71 -2.91 -11.38
C PHE B 275 -3.12 -3.41 -11.67
N PHE B 276 -3.28 -4.33 -12.63
CA PHE B 276 -4.60 -4.87 -12.96
C PHE B 276 -5.19 -5.58 -11.75
N ASP B 277 -4.35 -6.29 -10.99
CA ASP B 277 -4.83 -6.95 -9.77
C ASP B 277 -5.31 -5.92 -8.76
N GLU B 278 -4.57 -4.83 -8.59
CA GLU B 278 -4.96 -3.80 -7.63
C GLU B 278 -6.24 -3.09 -8.06
N LEU B 279 -6.38 -2.79 -9.34
CA LEU B 279 -7.60 -2.17 -9.83
C LEU B 279 -8.81 -3.09 -9.63
N ASP B 280 -8.65 -4.37 -9.96
CA ASP B 280 -9.75 -5.31 -9.79
C ASP B 280 -10.14 -5.46 -8.33
N ALA B 281 -9.13 -5.47 -7.43
CA ALA B 281 -9.43 -5.54 -6.01
C ALA B 281 -10.14 -4.28 -5.53
N PHE B 282 -9.77 -3.12 -6.06
CA PHE B 282 -10.47 -1.89 -5.70
C PHE B 282 -11.91 -1.92 -6.20
N PHE B 283 -12.14 -2.47 -7.39
CA PHE B 283 -13.51 -2.61 -7.87
C PHE B 283 -14.34 -3.43 -6.90
N THR B 284 -13.77 -4.52 -6.38
CA THR B 284 -14.46 -5.34 -5.39
C THR B 284 -14.75 -4.55 -4.12
N GLU B 285 -13.79 -3.72 -3.68
CA GLU B 285 -14.03 -2.88 -2.51
C GLU B 285 -15.14 -1.87 -2.78
N LEU B 286 -15.18 -1.31 -3.99
CA LEU B 286 -16.23 -0.36 -4.34
C LEU B 286 -17.61 -1.03 -4.31
N GLU B 287 -17.69 -2.28 -4.78
CA GLU B 287 -18.98 -2.97 -4.72
C GLU B 287 -19.42 -3.21 -3.28
N LYS B 288 -18.49 -3.58 -2.40
CA LYS B 288 -18.82 -3.78 -0.99
C LYS B 288 -19.34 -2.50 -0.35
N SER B 289 -18.82 -1.35 -0.78
CA SER B 289 -19.16 -0.08 -0.14
C SER B 289 -20.63 0.29 -0.33
N GLY B 290 -21.26 -0.22 -1.40
CA GLY B 290 -22.61 0.17 -1.73
C GLY B 290 -22.75 1.54 -2.38
N ARG B 291 -21.65 2.28 -2.53
CA ARG B 291 -21.73 3.62 -3.08
C ARG B 291 -22.11 3.58 -4.56
N LYS B 292 -22.75 4.66 -4.99
CA LYS B 292 -23.14 4.84 -6.40
C LYS B 292 -21.96 5.56 -7.08
N VAL B 293 -21.20 4.84 -7.89
CA VAL B 293 -19.98 5.40 -8.53
C VAL B 293 -19.92 5.01 -10.01
N MSE B 294 -19.50 5.95 -10.86
CA MSE B 294 -19.31 5.71 -12.31
C MSE B 294 -17.81 5.81 -12.59
O MSE B 294 -17.29 6.95 -12.61
CB MSE B 294 -20.08 6.76 -13.12
CG MSE B 294 -19.91 6.62 -14.63
SE MSE B 294 -20.63 8.18 -15.58
CE MSE B 294 -20.28 7.98 -17.50
N VAL B 295 -17.13 4.67 -12.78
CA VAL B 295 -15.65 4.67 -12.96
C VAL B 295 -15.34 4.60 -14.44
N VAL B 296 -14.53 5.53 -14.90
CA VAL B 296 -14.10 5.54 -16.33
C VAL B 296 -12.58 5.34 -16.32
N VAL B 297 -12.13 4.27 -16.96
CA VAL B 297 -10.70 3.96 -17.06
C VAL B 297 -10.24 4.38 -18.45
N VAL B 298 -9.35 5.38 -18.50
CA VAL B 298 -8.91 6.01 -19.74
C VAL B 298 -7.38 6.04 -19.77
N PRO B 299 -6.72 5.16 -20.50
CA PRO B 299 -5.25 5.30 -20.63
C PRO B 299 -4.89 6.54 -21.44
N GLU B 300 -3.75 7.15 -21.09
CA GLU B 300 -3.26 8.31 -21.81
C GLU B 300 -2.81 7.93 -23.22
N HIS B 301 -2.12 6.81 -23.34
CA HIS B 301 -1.48 6.32 -24.55
C HIS B 301 -0.72 5.06 -24.16
N GLY B 302 -0.26 4.31 -25.15
CA GLY B 302 0.50 3.10 -24.89
C GLY B 302 1.93 3.37 -24.44
N GLY B 303 2.55 2.31 -23.92
CA GLY B 303 3.94 2.38 -23.51
C GLY B 303 4.94 2.05 -24.58
N ALA B 304 4.48 1.77 -25.81
CA ALA B 304 5.36 1.44 -26.94
C ALA B 304 6.20 0.20 -26.64
N LEU B 305 5.57 -0.80 -26.02
CA LEU B 305 6.27 -2.01 -25.63
C LEU B 305 6.83 -2.73 -26.84
N LYS B 306 6.04 -2.83 -27.91
CA LYS B 306 6.45 -3.49 -29.14
C LYS B 306 6.73 -2.42 -30.19
N GLY B 307 7.97 -2.41 -30.65
CA GLY B 307 8.38 -1.48 -31.71
C GLY B 307 7.85 -1.87 -33.08
N ASP B 308 8.09 -1.03 -34.06
CA ASP B 308 7.61 -1.30 -35.44
C ASP B 308 8.69 -0.86 -36.44
N ARG B 309 8.34 -0.83 -37.71
CA ARG B 309 9.34 -0.50 -38.75
C ARG B 309 9.79 0.96 -38.68
N MSE B 310 8.96 1.85 -38.13
CA MSE B 310 9.29 3.30 -38.11
C MSE B 310 9.64 3.80 -36.71
O MSE B 310 9.79 5.03 -36.55
CB MSE B 310 8.15 4.12 -38.72
CG MSE B 310 8.50 4.83 -39.99
SE MSE B 310 7.20 6.23 -40.42
CE MSE B 310 8.04 8.00 -40.22
N GLN B 311 9.79 2.91 -35.73
CA GLN B 311 10.13 3.35 -34.36
C GLN B 311 10.43 2.15 -33.47
N VAL B 312 11.60 2.12 -32.82
CA VAL B 312 11.94 1.01 -31.94
C VAL B 312 11.13 1.08 -30.65
N SER B 313 11.10 -0.03 -29.93
CA SER B 313 10.38 -0.12 -28.67
C SER B 313 10.81 1.01 -27.73
N GLY B 314 9.84 1.61 -27.05
CA GLY B 314 10.12 2.63 -26.05
C GLY B 314 10.04 4.06 -26.55
N LEU B 315 10.08 4.28 -27.86
CA LEU B 315 10.03 5.64 -28.40
C LEU B 315 8.58 6.02 -28.69
N ARG B 316 8.24 7.26 -28.37
CA ARG B 316 6.87 7.75 -28.54
C ARG B 316 6.79 9.01 -29.38
N ASP B 317 7.86 9.33 -30.14
CA ASP B 317 7.85 10.54 -30.96
C ASP B 317 6.72 10.50 -31.98
N ILE B 318 6.46 9.35 -32.57
CA ILE B 318 5.43 9.19 -33.58
C ILE B 318 4.22 8.56 -32.91
N PRO B 319 3.02 9.17 -33.00
CA PRO B 319 1.81 8.60 -32.37
C PRO B 319 1.19 7.51 -33.24
N SER B 320 1.87 6.37 -33.28
CA SER B 320 1.48 5.27 -34.15
C SER B 320 0.15 4.67 -33.72
N PRO B 321 -0.54 3.96 -34.63
CA PRO B 321 -1.82 3.33 -34.25
C PRO B 321 -1.70 2.40 -33.06
N SER B 322 -0.61 1.64 -32.97
CA SER B 322 -0.48 0.71 -31.85
C SER B 322 -0.34 1.44 -30.52
N ILE B 323 0.26 2.63 -30.53
CA ILE B 323 0.39 3.39 -29.28
C ILE B 323 -0.91 4.07 -28.91
N THR B 324 -1.72 4.51 -29.88
CA THR B 324 -2.88 5.33 -29.58
C THR B 324 -4.18 4.55 -29.46
N ASP B 325 -4.20 3.26 -29.81
CA ASP B 325 -5.41 2.44 -29.71
C ASP B 325 -5.47 1.87 -28.28
N VAL B 326 -6.26 2.52 -27.43
CA VAL B 326 -6.23 2.25 -25.99
C VAL B 326 -7.53 1.67 -25.46
N PRO B 327 -7.46 0.78 -24.46
CA PRO B 327 -8.68 0.21 -23.87
C PRO B 327 -9.34 1.24 -22.95
N VAL B 328 -10.57 1.63 -23.25
CA VAL B 328 -11.35 2.49 -22.36
C VAL B 328 -12.51 1.68 -21.82
N GLY B 329 -12.68 1.69 -20.50
CA GLY B 329 -13.72 0.92 -19.85
C GLY B 329 -14.53 1.77 -18.90
N VAL B 330 -15.82 1.43 -18.78
CA VAL B 330 -16.71 2.12 -17.86
C VAL B 330 -17.38 1.08 -16.99
N LYS B 331 -17.43 1.33 -15.68
CA LYS B 331 -18.10 0.42 -14.75
C LYS B 331 -18.95 1.22 -13.78
N PHE B 332 -20.19 0.78 -13.59
CA PHE B 332 -21.12 1.44 -12.66
C PHE B 332 -21.27 0.59 -11.41
N PHE B 333 -21.09 1.21 -10.26
CA PHE B 333 -21.19 0.51 -8.96
C PHE B 333 -22.41 1.01 -8.20
N GLY B 334 -23.03 0.12 -7.45
CA GLY B 334 -24.17 0.51 -6.61
C GLY B 334 -25.48 0.53 -7.37
N MSE B 335 -25.51 -0.15 -8.49
CA MSE B 335 -26.73 -0.18 -9.32
C MSE B 335 -27.72 -1.20 -8.74
O MSE B 335 -27.33 -2.14 -8.08
CB MSE B 335 -26.42 -0.57 -10.77
CG MSE B 335 -25.83 0.54 -11.65
SE MSE B 335 -25.68 -0.19 -13.47
CE MSE B 335 -24.70 -1.83 -13.39
N LYS B 336 -28.98 -0.94 -8.97
CA LYS B 336 -30.07 -1.87 -8.60
C LYS B 336 -30.19 -2.90 -9.74
N ALA B 337 -30.05 -2.46 -11.00
CA ALA B 337 -30.33 -3.31 -12.15
C ALA B 337 -29.19 -4.27 -12.47
N PRO B 338 -29.50 -5.44 -13.01
CA PRO B 338 -28.46 -6.40 -13.40
C PRO B 338 -27.85 -6.07 -14.77
N HIS B 339 -26.76 -6.76 -15.08
CA HIS B 339 -26.11 -6.62 -16.38
C HIS B 339 -25.48 -7.96 -16.78
N GLN B 340 -26.34 -8.93 -17.10
CA GLN B 340 -25.86 -10.21 -17.59
C GLN B 340 -25.25 -10.04 -18.98
N GLY B 341 -24.29 -10.89 -19.30
CA GLY B 341 -23.71 -10.87 -20.63
C GLY B 341 -22.57 -9.89 -20.82
N ALA B 342 -21.55 -9.98 -19.95
CA ALA B 342 -20.24 -9.42 -20.25
C ALA B 342 -20.34 -7.91 -20.41
N PRO B 343 -19.33 -7.22 -20.95
CA PRO B 343 -19.51 -5.80 -21.26
C PRO B 343 -20.19 -5.59 -22.60
N ILE B 344 -20.86 -4.44 -22.71
CA ILE B 344 -21.23 -3.93 -24.03
C ILE B 344 -19.97 -3.44 -24.71
N VAL B 345 -19.77 -3.85 -25.96
CA VAL B 345 -18.59 -3.47 -26.71
C VAL B 345 -18.97 -2.40 -27.71
N ILE B 346 -18.23 -1.30 -27.70
CA ILE B 346 -18.40 -0.23 -28.67
C ILE B 346 -17.27 -0.38 -29.68
N GLU B 347 -17.62 -0.78 -30.89
CA GLU B 347 -16.62 -1.04 -31.97
C GLU B 347 -16.37 0.20 -32.85
N GLN B 348 -17.26 1.17 -32.84
CA GLN B 348 -17.11 2.33 -33.74
C GLN B 348 -15.95 3.24 -33.32
N PRO B 349 -15.31 3.93 -34.26
CA PRO B 349 -14.16 4.81 -33.92
C PRO B 349 -14.59 5.89 -32.95
N SER B 350 -13.88 5.97 -31.81
CA SER B 350 -14.30 6.82 -30.72
C SER B 350 -13.10 7.58 -30.17
N SER B 351 -13.40 8.67 -29.47
CA SER B 351 -12.38 9.36 -28.67
C SER B 351 -13.09 10.06 -27.50
N PHE B 352 -12.45 11.11 -26.98
CA PHE B 352 -12.88 11.69 -25.71
C PHE B 352 -14.29 12.25 -25.76
N LEU B 353 -14.74 12.71 -26.93
CA LEU B 353 -16.08 13.25 -27.03
C LEU B 353 -17.14 12.23 -26.63
N ALA B 354 -16.89 10.95 -26.94
CA ALA B 354 -17.81 9.89 -26.55
C ALA B 354 -17.90 9.72 -25.03
N ILE B 355 -16.78 9.91 -24.32
CA ILE B 355 -16.81 9.88 -22.85
C ILE B 355 -17.69 11.00 -22.31
N SER B 356 -17.50 12.22 -22.82
CA SER B 356 -18.31 13.34 -22.34
C SER B 356 -19.79 13.10 -22.61
N ASP B 357 -20.13 12.59 -23.79
CA ASP B 357 -21.54 12.37 -24.09
C ASP B 357 -22.13 11.23 -23.28
N LEU B 358 -21.34 10.21 -22.95
CA LEU B 358 -21.83 9.16 -22.06
C LEU B 358 -22.11 9.71 -20.68
N VAL B 359 -21.24 10.59 -20.18
CA VAL B 359 -21.45 11.23 -18.88
C VAL B 359 -22.74 12.02 -18.88
N VAL B 360 -22.99 12.80 -19.94
CA VAL B 360 -24.22 13.57 -20.04
C VAL B 360 -25.45 12.66 -19.96
N ARG B 361 -25.37 11.47 -20.58
CA ARG B 361 -26.53 10.58 -20.61
C ARG B 361 -26.91 10.08 -19.23
N VAL B 362 -25.97 10.01 -18.29
CA VAL B 362 -26.23 9.44 -16.97
C VAL B 362 -26.30 10.50 -15.88
N LEU B 363 -26.28 11.79 -16.26
CA LEU B 363 -26.20 12.87 -15.27
C LEU B 363 -27.30 12.82 -14.23
N ASP B 364 -28.52 12.40 -14.61
CA ASP B 364 -29.60 12.36 -13.63
C ASP B 364 -29.48 11.20 -12.65
N GLY B 365 -28.52 10.31 -12.85
CA GLY B 365 -28.24 9.24 -11.92
C GLY B 365 -29.26 8.13 -11.85
N LYS B 366 -30.25 8.13 -12.75
CA LYS B 366 -31.31 7.11 -12.68
C LYS B 366 -30.79 5.72 -13.02
N ILE B 367 -29.67 5.61 -13.72
CA ILE B 367 -29.08 4.31 -14.02
C ILE B 367 -28.83 3.52 -12.74
N PHE B 368 -28.63 4.20 -11.61
CA PHE B 368 -28.32 3.53 -10.36
C PHE B 368 -29.55 3.03 -9.63
N THR B 369 -30.74 3.56 -9.94
CA THR B 369 -31.93 3.25 -9.17
C THR B 369 -33.04 2.56 -9.96
N GLU B 370 -32.90 2.42 -11.28
CA GLU B 370 -33.93 1.73 -12.04
C GLU B 370 -33.76 0.22 -11.93
N ASP B 371 -34.91 -0.49 -11.93
CA ASP B 371 -34.87 -1.94 -11.83
C ASP B 371 -34.36 -2.59 -13.12
N ASN B 372 -34.53 -1.94 -14.26
CA ASN B 372 -34.03 -2.46 -15.52
C ASN B 372 -33.33 -1.35 -16.28
N VAL B 373 -32.13 -1.64 -16.79
CA VAL B 373 -31.36 -0.70 -17.59
C VAL B 373 -31.22 -1.28 -18.99
N ASP B 374 -31.61 -0.50 -19.99
CA ASP B 374 -31.45 -0.90 -21.38
C ASP B 374 -30.03 -0.50 -21.77
N TRP B 375 -29.15 -1.49 -21.79
CA TRP B 375 -27.75 -1.23 -22.03
C TRP B 375 -27.48 -0.87 -23.49
N LYS B 376 -28.27 -1.38 -24.41
CA LYS B 376 -28.06 -1.05 -25.82
C LYS B 376 -28.49 0.38 -26.07
N LYS B 377 -29.56 0.80 -25.43
CA LYS B 377 -30.00 2.19 -25.58
C LYS B 377 -28.98 3.16 -25.00
N LEU B 378 -28.40 2.82 -23.84
CA LEU B 378 -27.43 3.71 -23.20
C LEU B 378 -26.23 3.98 -24.10
N THR B 379 -25.82 2.99 -24.88
CA THR B 379 -24.58 3.05 -25.64
C THR B 379 -24.79 3.32 -27.12
N SER B 380 -26.03 3.50 -27.56
CA SER B 380 -26.33 3.66 -28.98
C SER B 380 -26.23 5.12 -29.40
N GLY B 381 -25.67 5.34 -30.59
CA GLY B 381 -25.60 6.67 -31.13
C GLY B 381 -24.58 7.60 -30.49
N LEU B 382 -23.59 7.06 -29.78
CA LEU B 382 -22.55 7.91 -29.22
C LEU B 382 -21.74 8.53 -30.35
N PRO B 383 -21.09 9.67 -30.10
CA PRO B 383 -20.35 10.34 -31.18
C PRO B 383 -19.14 9.54 -31.64
N GLN B 384 -18.94 9.51 -32.95
CA GLN B 384 -17.78 8.87 -33.56
C GLN B 384 -16.74 9.93 -33.89
N THR B 385 -15.46 9.54 -33.81
CA THR B 385 -14.35 10.44 -34.13
C THR B 385 -13.31 9.66 -34.93
N ALA B 386 -12.89 10.22 -36.07
CA ALA B 386 -11.84 9.60 -36.85
C ALA B 386 -10.55 9.50 -36.04
N PRO B 387 -9.75 8.45 -36.27
CA PRO B 387 -8.51 8.28 -35.50
C PRO B 387 -7.37 9.14 -36.01
N VAL B 388 -7.31 10.38 -35.51
CA VAL B 388 -6.27 11.33 -35.86
C VAL B 388 -5.43 11.53 -34.60
N SER B 389 -4.11 11.43 -34.73
CA SER B 389 -3.23 11.55 -33.57
C SER B 389 -2.10 12.52 -33.89
N GLU B 390 -1.78 13.41 -32.93
CA GLU B 390 -0.78 14.44 -33.15
C GLU B 390 0.11 14.55 -31.92
N ASN B 391 1.42 14.71 -32.15
CA ASN B 391 2.36 15.20 -31.17
C ASN B 391 2.96 16.50 -31.71
N SER B 392 4.03 16.98 -31.07
CA SER B 392 4.59 18.25 -31.49
C SER B 392 5.21 18.19 -32.89
N ASN B 393 5.76 17.04 -33.29
CA ASN B 393 6.50 16.97 -34.55
C ASN B 393 6.07 15.81 -35.43
N ALA B 394 4.91 15.21 -35.17
CA ALA B 394 4.45 14.11 -36.00
C ALA B 394 2.93 14.01 -35.91
N VAL B 395 2.30 13.64 -37.02
CA VAL B 395 0.86 13.42 -37.10
C VAL B 395 0.62 12.09 -37.81
N VAL B 396 -0.34 11.32 -37.33
CA VAL B 396 -0.73 10.05 -37.93
C VAL B 396 -2.24 10.06 -38.14
N ILE B 397 -2.67 9.65 -39.33
CA ILE B 397 -4.09 9.49 -39.62
C ILE B 397 -4.30 8.15 -40.30
N GLN B 398 -5.56 7.70 -40.30
CA GLN B 398 -6.00 6.60 -41.14
C GLN B 398 -6.71 7.19 -42.35
N TYR B 399 -6.30 6.77 -43.54
CA TYR B 399 -6.87 7.29 -44.77
C TYR B 399 -7.07 6.11 -45.71
N GLN B 400 -8.31 5.93 -46.16
CA GLN B 400 -8.67 4.76 -46.97
C GLN B 400 -8.21 3.46 -46.30
N ASP B 401 -8.44 3.38 -44.99
CA ASP B 401 -8.19 2.18 -44.20
C ASP B 401 -6.71 1.84 -44.05
N LYS B 402 -5.80 2.81 -44.23
CA LYS B 402 -4.37 2.60 -44.09
C LYS B 402 -3.77 3.76 -43.32
N PRO B 403 -2.74 3.51 -42.50
CA PRO B 403 -2.13 4.61 -41.74
C PRO B 403 -1.14 5.42 -42.58
N TYR B 404 -1.15 6.73 -42.37
CA TYR B 404 -0.22 7.66 -43.00
C TYR B 404 0.38 8.55 -41.94
N VAL B 405 1.61 9.00 -42.17
CA VAL B 405 2.36 9.79 -41.18
C VAL B 405 2.99 11.00 -41.85
N ARG B 406 3.03 12.12 -41.14
CA ARG B 406 3.73 13.34 -41.54
C ARG B 406 4.69 13.73 -40.42
N LEU B 407 5.99 13.85 -40.75
CA LEU B 407 7.01 14.24 -39.78
C LEU B 407 7.45 15.67 -40.04
N ASN B 408 7.55 16.47 -38.98
CA ASN B 408 8.17 17.81 -39.05
C ASN B 408 7.52 18.70 -40.11
N GLY B 409 6.22 18.54 -40.33
CA GLY B 409 5.52 19.36 -41.29
C GLY B 409 5.89 19.12 -42.73
N GLY B 410 6.48 17.97 -43.04
CA GLY B 410 6.92 17.63 -44.38
C GLY B 410 5.86 16.90 -45.18
N ASP B 411 6.31 16.02 -46.06
CA ASP B 411 5.39 15.27 -46.90
C ASP B 411 4.78 14.11 -46.12
N TRP B 412 3.58 13.70 -46.54
CA TRP B 412 2.95 12.51 -45.99
C TRP B 412 3.45 11.26 -46.70
N VAL B 413 3.67 10.20 -45.93
CA VAL B 413 4.01 8.88 -46.48
C VAL B 413 3.14 7.82 -45.81
N PRO B 414 2.90 6.69 -46.47
CA PRO B 414 2.27 5.57 -45.77
C PRO B 414 3.16 5.14 -44.61
N TYR B 415 2.51 4.85 -43.48
CA TYR B 415 3.25 4.33 -42.33
C TYR B 415 3.74 2.93 -42.72
N PRO B 416 5.04 2.67 -42.75
CA PRO B 416 5.52 1.36 -43.23
C PRO B 416 5.09 0.24 -42.29
N GLN B 417 4.56 -0.83 -42.86
CA GLN B 417 4.03 -1.93 -42.06
C GLN B 417 4.51 -3.30 -42.53
ZN ZN C . 17.99 -6.99 16.93
MG MG D . -5.65 -20.43 7.03
ZN ZN E . 2.04 9.07 -20.26
#